data_2YDL
# 
_entry.id   2YDL 
# 
_audit_conform.dict_name       mmcif_pdbx.dic 
_audit_conform.dict_version    5.383 
_audit_conform.dict_location   http://mmcif.pdb.org/dictionaries/ascii/mmcif_pdbx.dic 
# 
loop_
_database_2.database_id 
_database_2.database_code 
_database_2.pdbx_database_accession 
_database_2.pdbx_DOI 
PDB   2YDL         pdb_00002ydl 10.2210/pdb2ydl/pdb 
PDBE  EBI-47674    ?            ?                   
WWPDB D_1290047674 ?            ?                   
# 
_pdbx_database_related.db_name        PDB 
_pdbx_database_related.db_id          2BZ8 
_pdbx_database_related.content_type   unspecified 
_pdbx_database_related.details        'N-TERMINAL SH3 DOMAIN OF CIN85 BOUND TO CBL-B PEPTIDE' 
# 
_pdbx_database_status.status_code                     REL 
_pdbx_database_status.entry_id                        2YDL 
_pdbx_database_status.deposit_site                    PDBE 
_pdbx_database_status.process_site                    PDBE 
_pdbx_database_status.SG_entry                        . 
_pdbx_database_status.recvd_initial_deposition_date   2011-03-22 
_pdbx_database_status.pdb_format_compatible           Y 
_pdbx_database_status.status_code_sf                  REL 
_pdbx_database_status.status_code_mr                  ? 
_pdbx_database_status.status_code_cs                  ? 
_pdbx_database_status.methods_development_category    ? 
_pdbx_database_status.status_code_nmr_data            ? 
# 
loop_
_audit_author.name 
_audit_author.pdbx_ordinal 
'Bravo, J.'    1 
'Cardenes, N.' 2 
# 
_citation.id                        primary 
_citation.title                     
'Distinct Ubiquitin Binding Modes Exhibited by SH3 Domains: Molecular Determinants and Functional Implications.' 
_citation.journal_abbrev            'Plos One' 
_citation.journal_volume            8 
_citation.page_first                73018 
_citation.page_last                 ? 
_citation.year                      2013 
_citation.journal_id_ASTM           ? 
_citation.country                   US 
_citation.journal_id_ISSN           1932-6203 
_citation.journal_id_CSD            ? 
_citation.book_publisher            ? 
_citation.pdbx_database_id_PubMed   24039852 
_citation.pdbx_database_id_DOI      10.1371/JOURNAL.PONE.0073018 
# 
loop_
_citation_author.citation_id 
_citation_author.name 
_citation_author.ordinal 
_citation_author.identifier_ORCID 
primary 'Ortega Roldan, J.L.'    1 ? 
primary 'Casares, S.'            2 ? 
primary 'Ringkjobing Jensen, M.' 3 ? 
primary 'Cardenes, N.'           4 ? 
primary 'Bravo, J.'              5 ? 
primary 'Blackledge, M.'         6 ? 
primary 'Azuaga, A.I.'           7 ? 
primary 'Van Nuland, N.A.J.'     8 ? 
# 
_cell.entry_id           2YDL 
_cell.length_a           47.828 
_cell.length_b           47.828 
_cell.length_c           70.235 
_cell.angle_alpha        90.00 
_cell.angle_beta         90.00 
_cell.angle_gamma        120.00 
_cell.Z_PDB              6 
_cell.pdbx_unique_axis   ? 
# 
_symmetry.entry_id                         2YDL 
_symmetry.space_group_name_H-M             'P 31 2 1' 
_symmetry.pdbx_full_space_group_name_H-M   ? 
_symmetry.cell_setting                     ? 
_symmetry.Int_Tables_number                152 
# 
loop_
_entity.id 
_entity.type 
_entity.src_method 
_entity.pdbx_description 
_entity.formula_weight 
_entity.pdbx_number_of_molecules 
_entity.pdbx_ec 
_entity.pdbx_mutation 
_entity.pdbx_fragment 
_entity.details 
1 polymer man 'SH3 DOMAIN-CONTAINING KINASE-BINDING PROTEIN 1' 8034.963 1  ? ? 'SH3 C, RESIDUES 270-328' 'THIRD SH3 DOMAIN' 
2 water   nat water                                            18.015   56 ? ? ?                         ?                  
# 
_entity_name_com.entity_id   1 
_entity_name_com.name        
'CD2-BINDING PROTEIN 3, CD2BP3, CBL-INTERACTING PROTEIN OF 85 KDA, HUMAN SRC FAMILY KINASE-BINDING PROTEIN 1, HSB-1, CIN85' 
# 
_entity_poly.entity_id                      1 
_entity_poly.type                           'polypeptide(L)' 
_entity_poly.nstd_linkage                   no 
_entity_poly.nstd_monomer                   no 
_entity_poly.pdbx_seq_one_letter_code       ASDYCKVIFPYEAQNDDELTIKEGDIVTLINKDCIDVGWWEGELNGRRGVFPDNFVKLLPPLEHHHHHH 
_entity_poly.pdbx_seq_one_letter_code_can   ASDYCKVIFPYEAQNDDELTIKEGDIVTLINKDCIDVGWWEGELNGRRGVFPDNFVKLLPPLEHHHHHH 
_entity_poly.pdbx_strand_id                 A 
_entity_poly.pdbx_target_identifier         ? 
# 
loop_
_entity_poly_seq.entity_id 
_entity_poly_seq.num 
_entity_poly_seq.mon_id 
_entity_poly_seq.hetero 
1 1  ALA n 
1 2  SER n 
1 3  ASP n 
1 4  TYR n 
1 5  CYS n 
1 6  LYS n 
1 7  VAL n 
1 8  ILE n 
1 9  PHE n 
1 10 PRO n 
1 11 TYR n 
1 12 GLU n 
1 13 ALA n 
1 14 GLN n 
1 15 ASN n 
1 16 ASP n 
1 17 ASP n 
1 18 GLU n 
1 19 LEU n 
1 20 THR n 
1 21 ILE n 
1 22 LYS n 
1 23 GLU n 
1 24 GLY n 
1 25 ASP n 
1 26 ILE n 
1 27 VAL n 
1 28 THR n 
1 29 LEU n 
1 30 ILE n 
1 31 ASN n 
1 32 LYS n 
1 33 ASP n 
1 34 CYS n 
1 35 ILE n 
1 36 ASP n 
1 37 VAL n 
1 38 GLY n 
1 39 TRP n 
1 40 TRP n 
1 41 GLU n 
1 42 GLY n 
1 43 GLU n 
1 44 LEU n 
1 45 ASN n 
1 46 GLY n 
1 47 ARG n 
1 48 ARG n 
1 49 GLY n 
1 50 VAL n 
1 51 PHE n 
1 52 PRO n 
1 53 ASP n 
1 54 ASN n 
1 55 PHE n 
1 56 VAL n 
1 57 LYS n 
1 58 LEU n 
1 59 LEU n 
1 60 PRO n 
1 61 PRO n 
1 62 LEU n 
1 63 GLU n 
1 64 HIS n 
1 65 HIS n 
1 66 HIS n 
1 67 HIS n 
1 68 HIS n 
1 69 HIS n 
# 
_entity_src_gen.entity_id                          1 
_entity_src_gen.pdbx_src_id                        1 
_entity_src_gen.pdbx_alt_source_flag               sample 
_entity_src_gen.pdbx_seq_type                      ? 
_entity_src_gen.pdbx_beg_seq_num                   ? 
_entity_src_gen.pdbx_end_seq_num                   ? 
_entity_src_gen.gene_src_common_name               HUMAN 
_entity_src_gen.gene_src_genus                     ? 
_entity_src_gen.pdbx_gene_src_gene                 ? 
_entity_src_gen.gene_src_species                   ? 
_entity_src_gen.gene_src_strain                    ? 
_entity_src_gen.gene_src_tissue                    ? 
_entity_src_gen.gene_src_tissue_fraction           ? 
_entity_src_gen.gene_src_details                   ? 
_entity_src_gen.pdbx_gene_src_fragment             ? 
_entity_src_gen.pdbx_gene_src_scientific_name      'HOMO SAPIENS' 
_entity_src_gen.pdbx_gene_src_ncbi_taxonomy_id     9606 
_entity_src_gen.pdbx_gene_src_variant              ? 
_entity_src_gen.pdbx_gene_src_cell_line            ? 
_entity_src_gen.pdbx_gene_src_atcc                 ? 
_entity_src_gen.pdbx_gene_src_organ                ? 
_entity_src_gen.pdbx_gene_src_organelle            ? 
_entity_src_gen.pdbx_gene_src_cell                 ? 
_entity_src_gen.pdbx_gene_src_cellular_location    ? 
_entity_src_gen.host_org_common_name               ? 
_entity_src_gen.pdbx_host_org_scientific_name      'ESCHERICHIA COLI' 
_entity_src_gen.pdbx_host_org_ncbi_taxonomy_id     469008 
_entity_src_gen.host_org_genus                     ? 
_entity_src_gen.pdbx_host_org_gene                 ? 
_entity_src_gen.pdbx_host_org_organ                ? 
_entity_src_gen.host_org_species                   ? 
_entity_src_gen.pdbx_host_org_tissue               ? 
_entity_src_gen.pdbx_host_org_tissue_fraction      ? 
_entity_src_gen.pdbx_host_org_strain               'BL21(DE3)' 
_entity_src_gen.pdbx_host_org_variant              ? 
_entity_src_gen.pdbx_host_org_cell_line            ? 
_entity_src_gen.pdbx_host_org_atcc                 ? 
_entity_src_gen.pdbx_host_org_culture_collection   ? 
_entity_src_gen.pdbx_host_org_cell                 ? 
_entity_src_gen.pdbx_host_org_organelle            ? 
_entity_src_gen.pdbx_host_org_cellular_location    ? 
_entity_src_gen.pdbx_host_org_vector_type          PLASMID 
_entity_src_gen.pdbx_host_org_vector               PET21A 
_entity_src_gen.host_org_details                   ? 
_entity_src_gen.expression_system_id               ? 
_entity_src_gen.plasmid_name                       ? 
_entity_src_gen.plasmid_details                    ? 
_entity_src_gen.pdbx_description                   ? 
# 
_struct_ref.id                         1 
_struct_ref.db_name                    UNP 
_struct_ref.db_code                    SH3K1_HUMAN 
_struct_ref.entity_id                  1 
_struct_ref.pdbx_seq_one_letter_code   ? 
_struct_ref.pdbx_align_begin           ? 
_struct_ref.pdbx_db_accession          Q96B97 
_struct_ref.pdbx_db_isoform            ? 
# 
_struct_ref_seq.align_id                      1 
_struct_ref_seq.ref_id                        1 
_struct_ref_seq.pdbx_PDB_id_code              2YDL 
_struct_ref_seq.pdbx_strand_id                A 
_struct_ref_seq.seq_align_beg                 3 
_struct_ref_seq.pdbx_seq_align_beg_ins_code   ? 
_struct_ref_seq.seq_align_end                 61 
_struct_ref_seq.pdbx_seq_align_end_ins_code   ? 
_struct_ref_seq.pdbx_db_accession             Q96B97 
_struct_ref_seq.db_align_beg                  270 
_struct_ref_seq.pdbx_db_align_beg_ins_code    ? 
_struct_ref_seq.db_align_end                  328 
_struct_ref_seq.pdbx_db_align_end_ins_code    ? 
_struct_ref_seq.pdbx_auth_seq_align_beg       270 
_struct_ref_seq.pdbx_auth_seq_align_end       328 
# 
loop_
_struct_ref_seq_dif.align_id 
_struct_ref_seq_dif.pdbx_pdb_id_code 
_struct_ref_seq_dif.mon_id 
_struct_ref_seq_dif.pdbx_pdb_strand_id 
_struct_ref_seq_dif.seq_num 
_struct_ref_seq_dif.pdbx_pdb_ins_code 
_struct_ref_seq_dif.pdbx_seq_db_name 
_struct_ref_seq_dif.pdbx_seq_db_accession_code 
_struct_ref_seq_dif.db_mon_id 
_struct_ref_seq_dif.pdbx_seq_db_seq_num 
_struct_ref_seq_dif.details 
_struct_ref_seq_dif.pdbx_auth_seq_num 
_struct_ref_seq_dif.pdbx_ordinal 
1 2YDL ALA A 1  ? UNP Q96B97 ? ? 'expression tag' -2 1  
1 2YDL SER A 2  ? UNP Q96B97 ? ? 'expression tag' -1 2  
1 2YDL LEU A 62 ? UNP Q96B97 ? ? 'expression tag' 1  3  
1 2YDL GLU A 63 ? UNP Q96B97 ? ? 'expression tag' 2  4  
1 2YDL HIS A 64 ? UNP Q96B97 ? ? 'expression tag' 3  5  
1 2YDL HIS A 65 ? UNP Q96B97 ? ? 'expression tag' 4  6  
1 2YDL HIS A 66 ? UNP Q96B97 ? ? 'expression tag' 5  7  
1 2YDL HIS A 67 ? UNP Q96B97 ? ? 'expression tag' 6  8  
1 2YDL HIS A 68 ? UNP Q96B97 ? ? 'expression tag' 7  9  
1 2YDL HIS A 69 ? UNP Q96B97 ? ? 'expression tag' 8  10 
# 
loop_
_chem_comp.id 
_chem_comp.type 
_chem_comp.mon_nstd_flag 
_chem_comp.name 
_chem_comp.pdbx_synonyms 
_chem_comp.formula 
_chem_comp.formula_weight 
ALA 'L-peptide linking' y ALANINE         ? 'C3 H7 N O2'     89.093  
ARG 'L-peptide linking' y ARGININE        ? 'C6 H15 N4 O2 1' 175.209 
ASN 'L-peptide linking' y ASPARAGINE      ? 'C4 H8 N2 O3'    132.118 
ASP 'L-peptide linking' y 'ASPARTIC ACID' ? 'C4 H7 N O4'     133.103 
CYS 'L-peptide linking' y CYSTEINE        ? 'C3 H7 N O2 S'   121.158 
GLN 'L-peptide linking' y GLUTAMINE       ? 'C5 H10 N2 O3'   146.144 
GLU 'L-peptide linking' y 'GLUTAMIC ACID' ? 'C5 H9 N O4'     147.129 
GLY 'peptide linking'   y GLYCINE         ? 'C2 H5 N O2'     75.067  
HIS 'L-peptide linking' y HISTIDINE       ? 'C6 H10 N3 O2 1' 156.162 
HOH non-polymer         . WATER           ? 'H2 O'           18.015  
ILE 'L-peptide linking' y ISOLEUCINE      ? 'C6 H13 N O2'    131.173 
LEU 'L-peptide linking' y LEUCINE         ? 'C6 H13 N O2'    131.173 
LYS 'L-peptide linking' y LYSINE          ? 'C6 H15 N2 O2 1' 147.195 
PHE 'L-peptide linking' y PHENYLALANINE   ? 'C9 H11 N O2'    165.189 
PRO 'L-peptide linking' y PROLINE         ? 'C5 H9 N O2'     115.130 
SER 'L-peptide linking' y SERINE          ? 'C3 H7 N O3'     105.093 
THR 'L-peptide linking' y THREONINE       ? 'C4 H9 N O3'     119.119 
TRP 'L-peptide linking' y TRYPTOPHAN      ? 'C11 H12 N2 O2'  204.225 
TYR 'L-peptide linking' y TYROSINE        ? 'C9 H11 N O3'    181.189 
VAL 'L-peptide linking' y VALINE          ? 'C5 H11 N O2'    117.146 
# 
_exptl.entry_id          2YDL 
_exptl.method            'X-RAY DIFFRACTION' 
_exptl.crystals_number   1 
# 
_exptl_crystal.id                    1 
_exptl_crystal.density_meas          ? 
_exptl_crystal.density_Matthews      3 
_exptl_crystal.density_percent_sol   59 
_exptl_crystal.description           NONE 
# 
_exptl_crystal_grow.crystal_id      1 
_exptl_crystal_grow.method          ? 
_exptl_crystal_grow.temp            ? 
_exptl_crystal_grow.temp_details    ? 
_exptl_crystal_grow.pH              ? 
_exptl_crystal_grow.pdbx_pH_range   ? 
_exptl_crystal_grow.pdbx_details    '0.1M CITRATE PH 5.5, 2.0 M AMMONIUM SULPHATE' 
# 
_diffrn.id                     1 
_diffrn.ambient_temp           100 
_diffrn.ambient_temp_details   ? 
_diffrn.crystal_id             1 
# 
_diffrn_detector.diffrn_id              1 
_diffrn_detector.detector               'IMAGE PLATE' 
_diffrn_detector.type                   MARRESEARCH 
_diffrn_detector.pdbx_collection_date   2007-09-04 
_diffrn_detector.details                MIRROR 
# 
_diffrn_radiation.diffrn_id                        1 
_diffrn_radiation.wavelength_id                    1 
_diffrn_radiation.pdbx_monochromatic_or_laue_m_l   M 
_diffrn_radiation.monochromator                    NI 
_diffrn_radiation.pdbx_diffrn_protocol             'SINGLE WAVELENGTH' 
_diffrn_radiation.pdbx_scattering_type             x-ray 
# 
_diffrn_radiation_wavelength.id           1 
_diffrn_radiation_wavelength.wavelength   1.5418 
_diffrn_radiation_wavelength.wt           1.0 
# 
_diffrn_source.diffrn_id                   1 
_diffrn_source.source                      'ROTATING ANODE' 
_diffrn_source.type                        'BRUKER FR530' 
_diffrn_source.pdbx_synchrotron_site       ? 
_diffrn_source.pdbx_synchrotron_beamline   ? 
_diffrn_source.pdbx_wavelength             1.5418 
_diffrn_source.pdbx_wavelength_list        ? 
# 
_reflns.pdbx_diffrn_id               1 
_reflns.pdbx_ordinal                 1 
_reflns.entry_id                     2YDL 
_reflns.observed_criterion_sigma_I   6.0 
_reflns.observed_criterion_sigma_F   ? 
_reflns.d_resolution_low             26.78 
_reflns.d_resolution_high            2.03 
_reflns.number_obs                   5991 
_reflns.number_all                   ? 
_reflns.percent_possible_obs         95.4 
_reflns.pdbx_Rmerge_I_obs            0.28 
_reflns.pdbx_Rsym_value              ? 
_reflns.pdbx_netI_over_sigmaI        8.31 
_reflns.B_iso_Wilson_estimate        ? 
_reflns.pdbx_redundancy              3.13 
# 
_reflns_shell.pdbx_diffrn_id         1 
_reflns_shell.pdbx_ordinal           1 
_reflns_shell.d_res_high             2.03 
_reflns_shell.d_res_low              2.14 
_reflns_shell.percent_possible_all   82.3 
_reflns_shell.Rmerge_I_obs           0.23 
_reflns_shell.pdbx_Rsym_value        ? 
_reflns_shell.meanI_over_sigI_obs    3.20 
_reflns_shell.pdbx_redundancy        3.13 
# 
_refine.pdbx_refine_id                           'X-RAY DIFFRACTION' 
_refine.entry_id                                 2YDL 
_refine.pdbx_diffrn_id                           1 
_refine.pdbx_TLS_residual_ADP_flag               ? 
_refine.ls_number_reflns_obs                     5715 
_refine.ls_number_reflns_all                     ? 
_refine.pdbx_ls_sigma_I                          ? 
_refine.pdbx_ls_sigma_F                          . 
_refine.pdbx_data_cutoff_high_absF               ? 
_refine.pdbx_data_cutoff_low_absF                ? 
_refine.pdbx_data_cutoff_high_rms_absF           ? 
_refine.ls_d_res_low                             41.42 
_refine.ls_d_res_high                            2.05 
_refine.ls_percent_reflns_obs                    96.49 
_refine.ls_R_factor_obs                          0.20740 
_refine.ls_R_factor_all                          ? 
_refine.ls_R_factor_R_work                       0.20515 
_refine.ls_R_factor_R_free                       0.25222 
_refine.ls_R_factor_R_free_error                 ? 
_refine.ls_R_factor_R_free_error_details         ? 
_refine.ls_percent_reflns_R_free                 4.6 
_refine.ls_number_reflns_R_free                  275 
_refine.ls_number_parameters                     ? 
_refine.ls_number_restraints                     ? 
_refine.occupancy_min                            ? 
_refine.occupancy_max                            ? 
_refine.correlation_coeff_Fo_to_Fc               0.950 
_refine.correlation_coeff_Fo_to_Fc_free          0.912 
_refine.B_iso_mean                               31.791 
_refine.aniso_B[1][1]                            1.02 
_refine.aniso_B[2][2]                            1.02 
_refine.aniso_B[3][3]                            -1.54 
_refine.aniso_B[1][2]                            0.51 
_refine.aniso_B[1][3]                            0.00 
_refine.aniso_B[2][3]                            0.00 
_refine.solvent_model_details                    MASK 
_refine.solvent_model_param_ksol                 ? 
_refine.solvent_model_param_bsol                 ? 
_refine.pdbx_solvent_vdw_probe_radii             1.40 
_refine.pdbx_solvent_ion_probe_radii             0.80 
_refine.pdbx_solvent_shrinkage_radii             0.80 
_refine.pdbx_ls_cross_valid_method               THROUGHOUT 
_refine.details                                  
'HYDROGENS HAVE BEEN ADDED IN THE RIDING POSITIONS. U VALUES REFINED INDIVIDUALLY.' 
_refine.pdbx_starting_model                      'PDB ENTRY 1SEM' 
_refine.pdbx_method_to_determine_struct          'MOLECULAR REPLACEMENT' 
_refine.pdbx_isotropic_thermal_model             ? 
_refine.pdbx_stereochemistry_target_values       'MAXIMUM LIKELIHOOD' 
_refine.pdbx_stereochem_target_val_spec_case     ? 
_refine.pdbx_R_Free_selection_details            RANDOM 
_refine.pdbx_overall_ESU_R                       0.184 
_refine.pdbx_overall_ESU_R_Free                  0.172 
_refine.overall_SU_ML                            0.123 
_refine.pdbx_overall_phase_error                 ? 
_refine.overall_SU_B                             4.670 
_refine.overall_SU_R_Cruickshank_DPI             ? 
_refine.pdbx_overall_SU_R_free_Cruickshank_DPI   ? 
_refine.pdbx_overall_SU_R_Blow_DPI               ? 
_refine.pdbx_overall_SU_R_free_Blow_DPI          ? 
# 
_refine_hist.pdbx_refine_id                   'X-RAY DIFFRACTION' 
_refine_hist.cycle_id                         LAST 
_refine_hist.pdbx_number_atoms_protein        547 
_refine_hist.pdbx_number_atoms_nucleic_acid   0 
_refine_hist.pdbx_number_atoms_ligand         0 
_refine_hist.number_atoms_solvent             56 
_refine_hist.number_atoms_total               603 
_refine_hist.d_res_high                       2.05 
_refine_hist.d_res_low                        41.42 
# 
loop_
_refine_ls_restr.type 
_refine_ls_restr.dev_ideal 
_refine_ls_restr.dev_ideal_target 
_refine_ls_restr.weight 
_refine_ls_restr.number 
_refine_ls_restr.pdbx_refine_id 
_refine_ls_restr.pdbx_restraint_function 
r_bond_refined_d             0.016  0.021  ? 562 'X-RAY DIFFRACTION' ? 
r_bond_other_d               ?      ?      ? ?   'X-RAY DIFFRACTION' ? 
r_angle_refined_deg          1.419  1.934  ? 763 'X-RAY DIFFRACTION' ? 
r_angle_other_deg            ?      ?      ? ?   'X-RAY DIFFRACTION' ? 
r_dihedral_angle_1_deg       4.856  5.000  ? 65  'X-RAY DIFFRACTION' ? 
r_dihedral_angle_2_deg       31.924 25.161 ? 31  'X-RAY DIFFRACTION' ? 
r_dihedral_angle_3_deg       14.415 15.000 ? 90  'X-RAY DIFFRACTION' ? 
r_dihedral_angle_4_deg       23.269 15.000 ? 2   'X-RAY DIFFRACTION' ? 
r_chiral_restr               0.102  0.200  ? 80  'X-RAY DIFFRACTION' ? 
r_gen_planes_refined         0.007  0.021  ? 439 'X-RAY DIFFRACTION' ? 
r_gen_planes_other           ?      ?      ? ?   'X-RAY DIFFRACTION' ? 
r_nbd_refined                ?      ?      ? ?   'X-RAY DIFFRACTION' ? 
r_nbd_other                  ?      ?      ? ?   'X-RAY DIFFRACTION' ? 
r_nbtor_refined              ?      ?      ? ?   'X-RAY DIFFRACTION' ? 
r_nbtor_other                ?      ?      ? ?   'X-RAY DIFFRACTION' ? 
r_xyhbond_nbd_refined        ?      ?      ? ?   'X-RAY DIFFRACTION' ? 
r_xyhbond_nbd_other          ?      ?      ? ?   'X-RAY DIFFRACTION' ? 
r_metal_ion_refined          ?      ?      ? ?   'X-RAY DIFFRACTION' ? 
r_metal_ion_other            ?      ?      ? ?   'X-RAY DIFFRACTION' ? 
r_symmetry_vdw_refined       ?      ?      ? ?   'X-RAY DIFFRACTION' ? 
r_symmetry_vdw_other         ?      ?      ? ?   'X-RAY DIFFRACTION' ? 
r_symmetry_hbond_refined     ?      ?      ? ?   'X-RAY DIFFRACTION' ? 
r_symmetry_hbond_other       ?      ?      ? ?   'X-RAY DIFFRACTION' ? 
r_symmetry_metal_ion_refined ?      ?      ? ?   'X-RAY DIFFRACTION' ? 
r_symmetry_metal_ion_other   ?      ?      ? ?   'X-RAY DIFFRACTION' ? 
r_mcbond_it                  0.951  1.500  ? 332 'X-RAY DIFFRACTION' ? 
r_mcbond_other               ?      ?      ? ?   'X-RAY DIFFRACTION' ? 
r_mcangle_it                 1.804  2.000  ? 537 'X-RAY DIFFRACTION' ? 
r_mcangle_other              ?      ?      ? ?   'X-RAY DIFFRACTION' ? 
r_scbond_it                  2.604  3.000  ? 230 'X-RAY DIFFRACTION' ? 
r_scbond_other               ?      ?      ? ?   'X-RAY DIFFRACTION' ? 
r_scangle_it                 4.334  4.500  ? 226 'X-RAY DIFFRACTION' ? 
r_scangle_other              ?      ?      ? ?   'X-RAY DIFFRACTION' ? 
r_long_range_B_refined       ?      ?      ? ?   'X-RAY DIFFRACTION' ? 
r_long_range_B_other         ?      ?      ? ?   'X-RAY DIFFRACTION' ? 
r_rigid_bond_restr           ?      ?      ? ?   'X-RAY DIFFRACTION' ? 
r_sphericity_free            ?      ?      ? ?   'X-RAY DIFFRACTION' ? 
r_sphericity_bonded          ?      ?      ? ?   'X-RAY DIFFRACTION' ? 
# 
_refine_ls_shell.pdbx_refine_id                   'X-RAY DIFFRACTION' 
_refine_ls_shell.pdbx_total_number_of_bins_used   20 
_refine_ls_shell.d_res_high                       2.047 
_refine_ls_shell.d_res_low                        2.100 
_refine_ls_shell.number_reflns_R_work             417 
_refine_ls_shell.R_factor_R_work                  0.270 
_refine_ls_shell.percent_reflns_obs               94.74 
_refine_ls_shell.R_factor_R_free                  0.327 
_refine_ls_shell.R_factor_R_free_error            ? 
_refine_ls_shell.percent_reflns_R_free            ? 
_refine_ls_shell.number_reflns_R_free             15 
_refine_ls_shell.number_reflns_all                ? 
_refine_ls_shell.R_factor_all                     ? 
# 
_struct.entry_id                  2YDL 
_struct.title                     'Crystal structure of SH3C from CIN85' 
_struct.pdbx_model_details        ? 
_struct.pdbx_CASP_flag            ? 
_struct.pdbx_model_type_details   ? 
# 
_struct_keywords.entry_id        2YDL 
_struct_keywords.pdbx_keywords   'SIGNALING PROTEIN' 
_struct_keywords.text            'SIGNALING PROTEIN' 
# 
loop_
_struct_asym.id 
_struct_asym.pdbx_blank_PDB_chainid_flag 
_struct_asym.pdbx_modified 
_struct_asym.entity_id 
_struct_asym.details 
A N N 1 ? 
B N N 2 ? 
# 
_struct_biol.id   1 
# 
_struct_sheet.id               AA 
_struct_sheet.type             ? 
_struct_sheet.number_strands   5 
_struct_sheet.details          ? 
# 
loop_
_struct_sheet_order.sheet_id 
_struct_sheet_order.range_id_1 
_struct_sheet_order.range_id_2 
_struct_sheet_order.offset 
_struct_sheet_order.sense 
AA 1 2 ? anti-parallel 
AA 2 3 ? anti-parallel 
AA 3 4 ? anti-parallel 
AA 4 5 ? anti-parallel 
# 
loop_
_struct_sheet_range.sheet_id 
_struct_sheet_range.id 
_struct_sheet_range.beg_label_comp_id 
_struct_sheet_range.beg_label_asym_id 
_struct_sheet_range.beg_label_seq_id 
_struct_sheet_range.pdbx_beg_PDB_ins_code 
_struct_sheet_range.end_label_comp_id 
_struct_sheet_range.end_label_asym_id 
_struct_sheet_range.end_label_seq_id 
_struct_sheet_range.pdbx_end_PDB_ins_code 
_struct_sheet_range.beg_auth_comp_id 
_struct_sheet_range.beg_auth_asym_id 
_struct_sheet_range.beg_auth_seq_id 
_struct_sheet_range.end_auth_comp_id 
_struct_sheet_range.end_auth_asym_id 
_struct_sheet_range.end_auth_seq_id 
AA 1 ARG A 47 ? PRO A 52 ? ARG A 314 PRO A 319 
AA 2 TRP A 39 ? LEU A 44 ? TRP A 306 LEU A 311 
AA 3 ILE A 26 ? ASN A 31 ? ILE A 293 ASN A 298 
AA 4 ASP A 3  ? VAL A 7  ? ASP A 270 VAL A 274 
AA 5 VAL A 56 ? LEU A 58 ? VAL A 323 LEU A 325 
# 
loop_
_pdbx_struct_sheet_hbond.sheet_id 
_pdbx_struct_sheet_hbond.range_id_1 
_pdbx_struct_sheet_hbond.range_id_2 
_pdbx_struct_sheet_hbond.range_1_label_atom_id 
_pdbx_struct_sheet_hbond.range_1_label_comp_id 
_pdbx_struct_sheet_hbond.range_1_label_asym_id 
_pdbx_struct_sheet_hbond.range_1_label_seq_id 
_pdbx_struct_sheet_hbond.range_1_PDB_ins_code 
_pdbx_struct_sheet_hbond.range_1_auth_atom_id 
_pdbx_struct_sheet_hbond.range_1_auth_comp_id 
_pdbx_struct_sheet_hbond.range_1_auth_asym_id 
_pdbx_struct_sheet_hbond.range_1_auth_seq_id 
_pdbx_struct_sheet_hbond.range_2_label_atom_id 
_pdbx_struct_sheet_hbond.range_2_label_comp_id 
_pdbx_struct_sheet_hbond.range_2_label_asym_id 
_pdbx_struct_sheet_hbond.range_2_label_seq_id 
_pdbx_struct_sheet_hbond.range_2_PDB_ins_code 
_pdbx_struct_sheet_hbond.range_2_auth_atom_id 
_pdbx_struct_sheet_hbond.range_2_auth_comp_id 
_pdbx_struct_sheet_hbond.range_2_auth_asym_id 
_pdbx_struct_sheet_hbond.range_2_auth_seq_id 
AA 1 2 N PHE A 51 ? N PHE A 318 O TRP A 40 ? O TRP A 307 
AA 2 3 N GLU A 43 ? N GLU A 310 O THR A 28 ? O THR A 295 
AA 3 4 N LEU A 29 ? N LEU A 296 O ASP A 3  ? O ASP A 270 
AA 4 5 N LYS A 6  ? N LYS A 273 O LYS A 57 ? O LYS A 324 
# 
_atom_sites.entry_id                    2YDL 
_atom_sites.fract_transf_matrix[1][1]   0.01032821 
_atom_sites.fract_transf_matrix[1][2]   -0.02076588 
_atom_sites.fract_transf_matrix[1][3]   -0.00670520 
_atom_sites.fract_transf_matrix[2][1]   0.01445334 
_atom_sites.fract_transf_matrix[2][2]   -0.01179416 
_atom_sites.fract_transf_matrix[2][3]   0.01532590 
_atom_sites.fract_transf_matrix[3][1]   -0.01120741 
_atom_sites.fract_transf_matrix[3][2]   -0.00719828 
_atom_sites.fract_transf_matrix[3][3]   0.00502985 
_atom_sites.fract_transf_vector[1]      0.804045 
_atom_sites.fract_transf_vector[2]      0.503169 
_atom_sites.fract_transf_vector[3]      0.040691 
# 
loop_
_atom_type.symbol 
C 
N 
O 
S 
# 
loop_
_atom_site.group_PDB 
_atom_site.id 
_atom_site.type_symbol 
_atom_site.label_atom_id 
_atom_site.label_alt_id 
_atom_site.label_comp_id 
_atom_site.label_asym_id 
_atom_site.label_entity_id 
_atom_site.label_seq_id 
_atom_site.pdbx_PDB_ins_code 
_atom_site.Cartn_x 
_atom_site.Cartn_y 
_atom_site.Cartn_z 
_atom_site.occupancy 
_atom_site.B_iso_or_equiv 
_atom_site.pdbx_formal_charge 
_atom_site.auth_seq_id 
_atom_site.auth_comp_id 
_atom_site.auth_asym_id 
_atom_site.auth_atom_id 
_atom_site.pdbx_PDB_model_num 
ATOM   1   N N   . ALA A 1 1  ? -7.574  -0.603  -14.206 1.00 64.26 ? -2   ALA A N   1 
ATOM   2   C CA  . ALA A 1 1  ? -7.394  0.789   -13.682 1.00 64.04 ? -2   ALA A CA  1 
ATOM   3   C C   . ALA A 1 1  ? -6.929  0.783   -12.212 1.00 63.91 ? -2   ALA A C   1 
ATOM   4   O O   . ALA A 1 1  ? -7.438  1.559   -11.381 1.00 63.96 ? -2   ALA A O   1 
ATOM   5   C CB  . ALA A 1 1  ? -8.683  1.600   -13.858 1.00 63.95 ? -2   ALA A CB  1 
ATOM   6   N N   . SER A 1 2  ? -5.954  -0.091  -11.922 1.00 63.39 ? -1   SER A N   1 
ATOM   7   C CA  . SER A 1 2  ? -5.341  -0.231  -10.598 1.00 62.92 ? -1   SER A CA  1 
ATOM   8   C C   . SER A 1 2  ? -4.797  1.090   -10.094 1.00 62.76 ? -1   SER A C   1 
ATOM   9   O O   . SER A 1 2  ? -4.180  1.860   -10.841 1.00 62.57 ? -1   SER A O   1 
ATOM   10  C CB  . SER A 1 2  ? -4.200  -1.245  -10.632 1.00 62.87 ? -1   SER A CB  1 
ATOM   11  O OG  . SER A 1 2  ? -4.660  -2.535  -10.979 1.00 62.73 ? -1   SER A OG  1 
ATOM   12  N N   . ASP A 1 3  ? -4.688  2.096   -8.626  1.00 33.87 ? 270  ASP A N   1 
ATOM   13  C CA  . ASP A 1 3  ? -4.082  3.128   -7.834  1.00 34.23 ? 270  ASP A CA  1 
ATOM   14  C C   . ASP A 1 3  ? -2.884  2.520   -7.140  1.00 32.44 ? 270  ASP A C   1 
ATOM   15  O O   . ASP A 1 3  ? -2.906  1.359   -6.738  1.00 31.59 ? 270  ASP A O   1 
ATOM   16  C CB  . ASP A 1 3  ? -5.080  3.647   -6.811  1.00 36.08 ? 270  ASP A CB  1 
ATOM   17  C CG  . ASP A 1 3  ? -6.343  4.224   -7.451  1.00 42.15 ? 270  ASP A CG  1 
ATOM   18  O OD1 . ASP A 1 3  ? -6.470  4.181   -8.707  1.00 45.30 ? 270  ASP A OD1 1 
ATOM   19  O OD2 . ASP A 1 3  ? -7.210  4.738   -6.678  1.00 48.14 ? 270  ASP A OD2 1 
ATOM   20  N N   . TYR A 1 4  ? -1.834  3.312   -7.026  1.00 30.16 ? 271  TYR A N   1 
ATOM   21  C CA  . TYR A 1 4  ? -0.573  2.856   -6.480  1.00 28.78 ? 271  TYR A CA  1 
ATOM   22  C C   . TYR A 1 4  ? -0.088  3.913   -5.523  1.00 27.44 ? 271  TYR A C   1 
ATOM   23  O O   . TYR A 1 4  ? -0.446  5.079   -5.635  1.00 27.67 ? 271  TYR A O   1 
ATOM   24  C CB  . TYR A 1 4  ? 0.459   2.678   -7.604  1.00 28.48 ? 271  TYR A CB  1 
ATOM   25  C CG  . TYR A 1 4  ? 0.123   1.525   -8.508  1.00 29.17 ? 271  TYR A CG  1 
ATOM   26  C CD1 . TYR A 1 4  ? 0.455   0.214   -8.155  1.00 31.48 ? 271  TYR A CD1 1 
ATOM   27  C CD2 . TYR A 1 4  ? -0.572  1.728   -9.684  1.00 29.93 ? 271  TYR A CD2 1 
ATOM   28  C CE1 . TYR A 1 4  ? 0.126   -0.860  -8.985  1.00 32.92 ? 271  TYR A CE1 1 
ATOM   29  C CE2 . TYR A 1 4  ? -0.890  0.669   -10.515 1.00 32.02 ? 271  TYR A CE2 1 
ATOM   30  C CZ  . TYR A 1 4  ? -0.528  -0.606  -10.161 1.00 31.79 ? 271  TYR A CZ  1 
ATOM   31  O OH  . TYR A 1 4  ? -0.865  -1.639  -10.985 1.00 36.13 ? 271  TYR A OH  1 
ATOM   32  N N   . CYS A 1 5  ? 0.730   3.507   -4.569  1.00 26.62 ? 272  CYS A N   1 
ATOM   33  C CA  . CYS A 1 5  ? 1.306   4.463   -3.630  1.00 25.98 ? 272  CYS A CA  1 
ATOM   34  C C   . CYS A 1 5  ? 2.703   4.013   -3.336  1.00 24.80 ? 272  CYS A C   1 
ATOM   35  O O   . CYS A 1 5  ? 3.030   2.830   -3.494  1.00 24.54 ? 272  CYS A O   1 
ATOM   36  C CB  . CYS A 1 5  ? 0.451   4.599   -2.341  1.00 25.24 ? 272  CYS A CB  1 
ATOM   37  S SG  . CYS A 1 5  ? 0.215   3.032   -1.434  1.00 28.55 ? 272  CYS A SG  1 
ATOM   38  N N   . LYS A 1 6  ? 3.532   4.957   -2.921  1.00 24.70 ? 273  LYS A N   1 
ATOM   39  C CA  . LYS A 1 6  ? 4.926   4.626   -2.621  1.00 25.50 ? 273  LYS A CA  1 
ATOM   40  C C   . LYS A 1 6  ? 5.110   4.749   -1.137  1.00 24.57 ? 273  LYS A C   1 
ATOM   41  O O   . LYS A 1 6  ? 4.674   5.717   -0.542  1.00 24.99 ? 273  LYS A O   1 
ATOM   42  C CB  . LYS A 1 6  ? 5.906   5.527   -3.361  1.00 24.87 ? 273  LYS A CB  1 
ATOM   43  C CG  . LYS A 1 6  ? 7.348   5.132   -3.173  1.00 26.64 ? 273  LYS A CG  1 
ATOM   44  C CD  . LYS A 1 6  ? 8.141   5.755   -4.280  1.00 31.32 ? 273  LYS A CD  1 
ATOM   45  C CE  . LYS A 1 6  ? 9.632   5.771   -4.015  1.00 30.85 ? 273  LYS A CE  1 
ATOM   46  N NZ  . LYS A 1 6  ? 10.204  6.857   -4.889  1.00 33.69 ? 273  LYS A NZ  1 
ATOM   47  N N   . VAL A 1 7  ? 5.696   3.724   -0.553  1.00 25.50 ? 274  VAL A N   1 
ATOM   48  C CA  . VAL A 1 7  ? 5.969   3.702   0.886   1.00 26.44 ? 274  VAL A CA  1 
ATOM   49  C C   . VAL A 1 7  ? 7.100   4.666   1.283   1.00 26.75 ? 274  VAL A C   1 
ATOM   50  O O   . VAL A 1 7  ? 8.239   4.525   0.822   1.00 27.32 ? 274  VAL A O   1 
ATOM   51  C CB  . VAL A 1 7  ? 6.308   2.275   1.344   1.00 26.43 ? 274  VAL A CB  1 
ATOM   52  C CG1 . VAL A 1 7  ? 6.639   2.247   2.828   1.00 25.13 ? 274  VAL A CG1 1 
ATOM   53  C CG2 . VAL A 1 7  ? 5.158   1.290   0.998   1.00 27.21 ? 274  VAL A CG2 1 
ATOM   54  N N   . ILE A 1 8  ? 6.759   5.602   2.153   1.00 27.20 ? 275  ILE A N   1 
ATOM   55  C CA  . ILE A 1 8  ? 7.631   6.643   2.683   1.00 29.13 ? 275  ILE A CA  1 
ATOM   56  C C   . ILE A 1 8  ? 8.183   6.230   4.074   1.00 29.85 ? 275  ILE A C   1 
ATOM   57  O O   . ILE A 1 8  ? 9.330   6.545   4.416   1.00 29.36 ? 275  ILE A O   1 
ATOM   58  C CB  . ILE A 1 8  ? 6.869   8.005   2.798   1.00 29.54 ? 275  ILE A CB  1 
ATOM   59  C CG1 . ILE A 1 8  ? 6.287   8.449   1.442   1.00 31.81 ? 275  ILE A CG1 1 
ATOM   60  C CG2 . ILE A 1 8  ? 7.754   9.107   3.438   1.00 32.39 ? 275  ILE A CG2 1 
ATOM   61  C CD1 . ILE A 1 8  ? 7.297   8.597   0.298   1.00 32.60 ? 275  ILE A CD1 1 
ATOM   62  N N   . PHE A 1 9  ? 7.381   5.517   4.861   1.00 30.47 ? 276  PHE A N   1 
ATOM   63  C CA  . PHE A 1 9  ? 7.850   4.993   6.161   1.00 31.33 ? 276  PHE A CA  1 
ATOM   64  C C   . PHE A 1 9  ? 7.626   3.490   6.280   1.00 32.48 ? 276  PHE A C   1 
ATOM   65  O O   . PHE A 1 9  ? 6.628   2.972   5.768   1.00 32.71 ? 276  PHE A O   1 
ATOM   66  C CB  . PHE A 1 9  ? 7.167   5.699   7.326   1.00 30.61 ? 276  PHE A CB  1 
ATOM   67  C CG  . PHE A 1 9  ? 7.338   7.170   7.323   1.00 29.68 ? 276  PHE A CG  1 
ATOM   68  C CD1 . PHE A 1 9  ? 8.524   7.753   7.792   1.00 31.09 ? 276  PHE A CD1 1 
ATOM   69  C CD2 . PHE A 1 9  ? 6.317   7.997   6.902   1.00 27.86 ? 276  PHE A CD2 1 
ATOM   70  C CE1 . PHE A 1 9  ? 8.677   9.127   7.771   1.00 29.31 ? 276  PHE A CE1 1 
ATOM   71  C CE2 . PHE A 1 9  ? 6.455   9.362   6.916   1.00 30.38 ? 276  PHE A CE2 1 
ATOM   72  C CZ  . PHE A 1 9  ? 7.638   9.939   7.343   1.00 30.26 ? 276  PHE A CZ  1 
ATOM   73  N N   . PRO A 1 10 ? 8.557   2.773   6.946   1.00 33.21 ? 277  PRO A N   1 
ATOM   74  C CA  . PRO A 1 10 ? 8.352   1.315   7.004   1.00 32.93 ? 277  PRO A CA  1 
ATOM   75  C C   . PRO A 1 10 ? 7.364   0.926   8.114   1.00 32.00 ? 277  PRO A C   1 
ATOM   76  O O   . PRO A 1 10 ? 7.100   1.729   9.022   1.00 32.67 ? 277  PRO A O   1 
ATOM   77  C CB  . PRO A 1 10 ? 9.770   0.740   7.205   1.00 32.32 ? 277  PRO A CB  1 
ATOM   78  C CG  . PRO A 1 10 ? 10.671  1.942   7.512   1.00 33.22 ? 277  PRO A CG  1 
ATOM   79  C CD  . PRO A 1 10 ? 9.815   3.191   7.606   1.00 33.43 ? 277  PRO A CD  1 
ATOM   80  N N   . TYR A 1 11 ? 6.742   -0.247  7.971   1.00 31.08 ? 278  TYR A N   1 
ATOM   81  C CA  . TYR A 1 11 ? 5.779   -0.739  8.955   1.00 29.51 ? 278  TYR A CA  1 
ATOM   82  C C   . TYR A 1 11 ? 5.809   -2.245  8.892   1.00 29.81 ? 278  TYR A C   1 
ATOM   83  O O   . TYR A 1 11 ? 5.724   -2.834  7.812   1.00 29.99 ? 278  TYR A O   1 
ATOM   84  C CB  . TYR A 1 11 ? 4.343   -0.191  8.779   1.00 29.83 ? 278  TYR A CB  1 
ATOM   85  C CG  . TYR A 1 11 ? 3.416   -0.702  9.879   1.00 28.11 ? 278  TYR A CG  1 
ATOM   86  C CD1 . TYR A 1 11 ? 3.483   -0.180  11.192  1.00 27.02 ? 278  TYR A CD1 1 
ATOM   87  C CD2 . TYR A 1 11 ? 2.533   -1.761  9.640   1.00 26.52 ? 278  TYR A CD2 1 
ATOM   88  C CE1 . TYR A 1 11 ? 2.651   -0.680  12.235  1.00 26.96 ? 278  TYR A CE1 1 
ATOM   89  C CE2 . TYR A 1 11 ? 1.722   -2.286  10.671  1.00 23.52 ? 278  TYR A CE2 1 
ATOM   90  C CZ  . TYR A 1 11 ? 1.772   -1.740  11.946  1.00 26.56 ? 278  TYR A CZ  1 
ATOM   91  O OH  . TYR A 1 11 ? 0.969   -2.255  12.939  1.00 23.91 ? 278  TYR A OH  1 
ATOM   92  N N   . GLU A 1 12 ? 6.004   -2.867  10.063  1.00 29.07 ? 279  GLU A N   1 
ATOM   93  C CA  . GLU A 1 12 ? 6.068   -4.315  10.194  1.00 28.25 ? 279  GLU A CA  1 
ATOM   94  C C   . GLU A 1 12 ? 4.691   -4.813  10.672  1.00 26.41 ? 279  GLU A C   1 
ATOM   95  O O   . GLU A 1 12 ? 4.187   -4.346  11.707  1.00 25.57 ? 279  GLU A O   1 
ATOM   96  C CB  . GLU A 1 12 ? 7.175   -4.648  11.203  1.00 29.51 ? 279  GLU A CB  1 
ATOM   97  C CG  . GLU A 1 12 ? 7.502   -6.133  11.378  1.00 35.36 ? 279  GLU A CG  1 
ATOM   98  C CD  . GLU A 1 12 ? 8.320   -6.680  10.204  1.00 45.19 ? 279  GLU A CD  1 
ATOM   99  O OE1 . GLU A 1 12 ? 9.046   -5.840  9.577   1.00 48.20 ? 279  GLU A OE1 1 
ATOM   100 O OE2 . GLU A 1 12 ? 8.216   -7.918  9.898   1.00 44.49 ? 279  GLU A OE2 1 
ATOM   101 N N   . ALA A 1 13 ? 4.068   -5.738  9.933   1.00 25.56 ? 280  ALA A N   1 
ATOM   102 C CA  . ALA A 1 13 ? 2.743   -6.268  10.350  1.00 24.52 ? 280  ALA A CA  1 
ATOM   103 C C   . ALA A 1 13 ? 2.814   -6.850  11.784  1.00 24.85 ? 280  ALA A C   1 
ATOM   104 O O   . ALA A 1 13 ? 3.731   -7.583  12.114  1.00 23.14 ? 280  ALA A O   1 
ATOM   105 C CB  . ALA A 1 13 ? 2.234   -7.371  9.363   1.00 23.30 ? 280  ALA A CB  1 
ATOM   106 N N   . GLN A 1 14 ? 1.826   -6.517  12.602  1.00 25.46 ? 281  GLN A N   1 
ATOM   107 C CA  . GLN A 1 14 ? 1.713   -7.075  13.942  1.00 26.54 ? 281  GLN A CA  1 
ATOM   108 C C   . GLN A 1 14 ? 0.590   -8.133  14.100  1.00 26.82 ? 281  GLN A C   1 
ATOM   109 O O   . GLN A 1 14 ? 0.490   -8.802  15.141  1.00 27.23 ? 281  GLN A O   1 
ATOM   110 C CB  . GLN A 1 14 ? 1.498   -5.939  14.932  1.00 26.91 ? 281  GLN A CB  1 
ATOM   111 C CG  . GLN A 1 14 ? 2.753   -5.094  15.100  1.00 29.49 ? 281  GLN A CG  1 
ATOM   112 C CD  . GLN A 1 14 ? 2.525   -3.942  16.049  1.00 34.53 ? 281  GLN A CD  1 
ATOM   113 O OE1 . GLN A 1 14 ? 1.793   -4.083  17.025  1.00 39.21 ? 281  GLN A OE1 1 
ATOM   114 N NE2 . GLN A 1 14 ? 3.142   -2.789  15.768  1.00 35.27 ? 281  GLN A NE2 1 
ATOM   115 N N   . ASN A 1 15 ? -0.245  -8.294  13.083  1.00 25.39 ? 282  ASN A N   1 
ATOM   116 C CA  . ASN A 1 15 ? -1.244  -9.388  13.084  1.00 24.77 ? 282  ASN A CA  1 
ATOM   117 C C   . ASN A 1 15 ? -1.437  -9.916  11.639  1.00 24.91 ? 282  ASN A C   1 
ATOM   118 O O   . ASN A 1 15 ? -0.646  -9.572  10.726  1.00 24.43 ? 282  ASN A O   1 
ATOM   119 C CB  . ASN A 1 15 ? -2.560  -8.990  13.838  1.00 22.83 ? 282  ASN A CB  1 
ATOM   120 C CG  . ASN A 1 15 ? -3.429  -7.974  13.077  1.00 24.24 ? 282  ASN A CG  1 
ATOM   121 O OD1 . ASN A 1 15 ? -3.190  -7.656  11.893  1.00 21.91 ? 282  ASN A OD1 1 
ATOM   122 N ND2 . ASN A 1 15 ? -4.464  -7.479  13.745  1.00 21.29 ? 282  ASN A ND2 1 
ATOM   123 N N   . ASP A 1 16 ? -2.433  -10.771 11.419  1.00 24.58 ? 283  ASP A N   1 
ATOM   124 C CA  . ASP A 1 16 ? -2.583  -11.418 10.113  1.00 24.35 ? 283  ASP A CA  1 
ATOM   125 C C   . ASP A 1 16 ? -3.121  -10.453 9.063   1.00 22.72 ? 283  ASP A C   1 
ATOM   126 O O   . ASP A 1 16 ? -2.978  -10.680 7.876   1.00 23.37 ? 283  ASP A O   1 
ATOM   127 C CB  . ASP A 1 16 ? -3.543  -12.621 10.214  1.00 25.03 ? 283  ASP A CB  1 
ATOM   128 C CG  . ASP A 1 16 ? -2.870  -13.897 10.714  1.00 26.71 ? 283  ASP A CG  1 
ATOM   129 O OD1 . ASP A 1 16 ? -1.781  -13.872 11.320  1.00 23.74 ? 283  ASP A OD1 1 
ATOM   130 O OD2 . ASP A 1 16 ? -3.472  -14.968 10.483  1.00 29.49 ? 283  ASP A OD2 1 
ATOM   131 N N   . ASP A 1 17 ? -3.782  -9.402  9.521   1.00 22.28 ? 284  ASP A N   1 
ATOM   132 C CA  . ASP A 1 17 ? -4.553  -8.495  8.693   1.00 21.10 ? 284  ASP A CA  1 
ATOM   133 C C   . ASP A 1 17 ? -3.725  -7.330  8.158   1.00 21.68 ? 284  ASP A C   1 
ATOM   134 O O   . ASP A 1 17 ? -4.182  -6.594  7.270   1.00 21.26 ? 284  ASP A O   1 
ATOM   135 C CB  . ASP A 1 17 ? -5.709  -7.934  9.532   1.00 20.99 ? 284  ASP A CB  1 
ATOM   136 C CG  . ASP A 1 17 ? -6.717  -8.987  9.930   1.00 20.29 ? 284  ASP A CG  1 
ATOM   137 O OD1 . ASP A 1 17 ? -6.504  -10.188 9.711   1.00 24.57 ? 284  ASP A OD1 1 
ATOM   138 O OD2 . ASP A 1 17 ? -7.787  -8.608  10.398  1.00 22.28 ? 284  ASP A OD2 1 
ATOM   139 N N   . GLU A 1 18 ? -2.538  -7.129  8.733   1.00 21.64 ? 285  GLU A N   1 
ATOM   140 C CA  . GLU A 1 18 ? -1.650  -6.037  8.342   1.00 22.23 ? 285  GLU A CA  1 
ATOM   141 C C   . GLU A 1 18 ? -0.706  -6.400  7.195   1.00 22.34 ? 285  GLU A C   1 
ATOM   142 O O   . GLU A 1 18 ? -0.419  -7.554  6.973   1.00 23.63 ? 285  GLU A O   1 
ATOM   143 C CB  . GLU A 1 18 ? -0.844  -5.542  9.560   1.00 21.64 ? 285  GLU A CB  1 
ATOM   144 C CG  . GLU A 1 18 ? -1.757  -4.921  10.571  1.00 21.00 ? 285  GLU A CG  1 
ATOM   145 C CD  . GLU A 1 18 ? -1.093  -4.549  11.876  1.00 22.06 ? 285  GLU A CD  1 
ATOM   146 O OE1 . GLU A 1 18 ? 0.143   -4.719  12.045  1.00 22.14 ? 285  GLU A OE1 1 
ATOM   147 O OE2 . GLU A 1 18 ? -1.840  -4.071  12.745  1.00 20.13 ? 285  GLU A OE2 1 
ATOM   148 N N   . LEU A 1 19 ? -0.219  -5.374  6.492   1.00 22.64 ? 286  LEU A N   1 
ATOM   149 C CA  . LEU A 1 19 ? 0.760   -5.525  5.435   1.00 22.08 ? 286  LEU A CA  1 
ATOM   150 C C   . LEU A 1 19 ? 2.078   -4.870  5.874   1.00 23.08 ? 286  LEU A C   1 
ATOM   151 O O   . LEU A 1 19 ? 2.099   -3.700  6.261   1.00 21.98 ? 286  LEU A O   1 
ATOM   152 C CB  . LEU A 1 19 ? 0.248   -4.839  4.140   1.00 21.84 ? 286  LEU A CB  1 
ATOM   153 C CG  . LEU A 1 19 ? 1.151   -4.846  2.879   1.00 21.54 ? 286  LEU A CG  1 
ATOM   154 C CD1 . LEU A 1 19 ? 1.285   -6.217  2.288   1.00 23.11 ? 286  LEU A CD1 1 
ATOM   155 C CD2 . LEU A 1 19 ? 0.600   -3.807  1.811   1.00 19.81 ? 286  LEU A CD2 1 
ATOM   156 N N   . THR A 1 20 ? 3.163   -5.644  5.771   1.00 23.82 ? 287  THR A N   1 
ATOM   157 C CA  . THR A 1 20 ? 4.512   -5.141  5.996   1.00 25.36 ? 287  THR A CA  1 
ATOM   158 C C   . THR A 1 20 ? 5.011   -4.453  4.740   1.00 26.08 ? 287  THR A C   1 
ATOM   159 O O   . THR A 1 20 ? 5.063   -5.052  3.655   1.00 26.36 ? 287  THR A O   1 
ATOM   160 C CB  . THR A 1 20 ? 5.481   -6.291  6.366   1.00 24.20 ? 287  THR A CB  1 
ATOM   161 O OG1 . THR A 1 20 ? 5.092   -6.828  7.627   1.00 24.83 ? 287  THR A OG1 1 
ATOM   162 C CG2 . THR A 1 20 ? 6.955   -5.786  6.471   1.00 27.16 ? 287  THR A CG2 1 
ATOM   163 N N   . ILE A 1 21 ? 5.398   -3.201  4.926   1.00 27.63 ? 288  ILE A N   1 
ATOM   164 C CA  . ILE A 1 21 ? 5.851   -2.313  3.853   1.00 29.17 ? 288  ILE A CA  1 
ATOM   165 C C   . ILE A 1 21 ? 7.244   -1.735  4.190   1.00 30.50 ? 288  ILE A C   1 
ATOM   166 O O   . ILE A 1 21 ? 7.521   -1.376  5.361   1.00 30.63 ? 288  ILE A O   1 
ATOM   167 C CB  . ILE A 1 21 ? 4.853   -1.174  3.678   1.00 28.98 ? 288  ILE A CB  1 
ATOM   168 C CG1 . ILE A 1 21 ? 4.649   -0.456  5.006   1.00 29.44 ? 288  ILE A CG1 1 
ATOM   169 C CG2 . ILE A 1 21 ? 3.494   -1.730  3.122   1.00 29.42 ? 288  ILE A CG2 1 
ATOM   170 C CD1 . ILE A 1 21 ? 3.605   0.704   5.051   1.00 26.80 ? 288  ILE A CD1 1 
ATOM   171 N N   . LYS A 1 22 ? 8.121   -1.683  3.176   1.00 32.01 ? 289  LYS A N   1 
ATOM   172 C CA  . LYS A 1 22 ? 9.437   -1.019  3.320   1.00 33.58 ? 289  LYS A CA  1 
ATOM   173 C C   . LYS A 1 22 ? 9.515   0.256   2.472   1.00 33.07 ? 289  LYS A C   1 
ATOM   174 O O   . LYS A 1 22 ? 8.804   0.385   1.497   1.00 32.40 ? 289  LYS A O   1 
ATOM   175 C CB  . LYS A 1 22 ? 10.568  -1.978  2.966   1.00 33.60 ? 289  LYS A CB  1 
ATOM   176 C CG  . LYS A 1 22 ? 10.526  -3.277  3.765   1.00 37.92 ? 289  LYS A CG  1 
ATOM   177 C CD  . LYS A 1 22 ? 11.616  -4.223  3.331   1.00 42.51 ? 289  LYS A CD  1 
ATOM   178 C CE  . LYS A 1 22 ? 11.149  -5.677  3.428   1.00 47.57 ? 289  LYS A CE  1 
ATOM   179 N NZ  . LYS A 1 22 ? 12.307  -6.642  3.301   1.00 49.86 ? 289  LYS A NZ  1 
ATOM   180 N N   . GLU A 1 23 ? 10.370  1.197   2.870   1.00 33.47 ? 290  GLU A N   1 
ATOM   181 C CA  . GLU A 1 23 ? 10.553  2.468   2.149   1.00 33.33 ? 290  GLU A CA  1 
ATOM   182 C C   . GLU A 1 23 ? 10.900  2.138   0.733   1.00 32.12 ? 290  GLU A C   1 
ATOM   183 O O   . GLU A 1 23 ? 11.721  1.256   0.490   1.00 31.72 ? 290  GLU A O   1 
ATOM   184 C CB  . GLU A 1 23 ? 11.715  3.279   2.724   1.00 33.63 ? 290  GLU A CB  1 
ATOM   185 C CG  . GLU A 1 23 ? 11.453  3.810   4.086   1.00 37.28 ? 290  GLU A CG  1 
ATOM   186 C CD  . GLU A 1 23 ? 12.657  4.521   4.668   1.00 44.48 ? 290  GLU A CD  1 
ATOM   187 O OE1 . GLU A 1 23 ? 13.238  5.396   3.968   1.00 42.77 ? 290  GLU A OE1 1 
ATOM   188 O OE2 . GLU A 1 23 ? 13.000  4.202   5.835   1.00 47.26 ? 290  GLU A OE2 1 
ATOM   189 N N   . GLY A 1 24 ? 10.274  2.849   -0.199  1.00 31.56 ? 291  GLY A N   1 
ATOM   190 C CA  . GLY A 1 24 ? 10.510  2.613   -1.620  1.00 30.97 ? 291  GLY A CA  1 
ATOM   191 C C   . GLY A 1 24 ? 9.509   1.648   -2.235  1.00 31.03 ? 291  GLY A C   1 
ATOM   192 O O   . GLY A 1 24 ? 9.311   1.674   -3.446  1.00 30.29 ? 291  GLY A O   1 
ATOM   193 N N   . ASP A 1 25 ? 8.878   0.783   -1.426  1.00 30.24 ? 292  ASP A N   1 
ATOM   194 C CA  . ASP A 1 25 ? 7.943   -0.217  -1.997  1.00 30.03 ? 292  ASP A CA  1 
ATOM   195 C C   . ASP A 1 25 ? 6.821   0.493   -2.733  1.00 28.76 ? 292  ASP A C   1 
ATOM   196 O O   . ASP A 1 25 ? 6.354   1.534   -2.247  1.00 29.17 ? 292  ASP A O   1 
ATOM   197 C CB  . ASP A 1 25 ? 7.315   -1.104  -0.906  1.00 30.91 ? 292  ASP A CB  1 
ATOM   198 C CG  . ASP A 1 25 ? 8.245   -2.243  -0.446  1.00 33.87 ? 292  ASP A CG  1 
ATOM   199 O OD1 . ASP A 1 25 ? 9.159   -2.637  -1.205  1.00 34.83 ? 292  ASP A OD1 1 
ATOM   200 O OD2 . ASP A 1 25 ? 8.037   -2.753  0.674   1.00 35.78 ? 292  ASP A OD2 1 
ATOM   201 N N   . ILE A 1 26 ? 6.384   -0.084  -3.865  1.00 28.13 ? 293  ILE A N   1 
ATOM   202 C CA  . ILE A 1 26 ? 5.207   0.392   -4.631  1.00 27.73 ? 293  ILE A CA  1 
ATOM   203 C C   . ILE A 1 26 ? 4.044   -0.538  -4.400  1.00 26.64 ? 293  ILE A C   1 
ATOM   204 O O   . ILE A 1 26 ? 4.031   -1.690  -4.864  1.00 27.22 ? 293  ILE A O   1 
ATOM   205 C CB  . ILE A 1 26 ? 5.473   0.513   -6.172  1.00 28.58 ? 293  ILE A CB  1 
ATOM   206 C CG1 . ILE A 1 26 ? 6.784   1.253   -6.452  1.00 27.66 ? 293  ILE A CG1 1 
ATOM   207 C CG2 . ILE A 1 26 ? 4.230   1.094   -6.917  1.00 26.54 ? 293  ILE A CG2 1 
ATOM   208 C CD1 . ILE A 1 26 ? 6.838   2.655   -5.911  1.00 30.84 ? 293  ILE A CD1 1 
ATOM   209 N N   . VAL A 1 27 ? 3.080   -0.028  -3.651  1.00 26.37 ? 294  VAL A N   1 
ATOM   210 C CA  . VAL A 1 27 ? 1.948   -0.812  -3.153  1.00 25.57 ? 294  VAL A CA  1 
ATOM   211 C C   . VAL A 1 27 ? 0.738   -0.574  -4.033  1.00 24.51 ? 294  VAL A C   1 
ATOM   212 O O   . VAL A 1 27 ? 0.436   0.565   -4.382  1.00 23.96 ? 294  VAL A O   1 
ATOM   213 C CB  . VAL A 1 27 ? 1.643   -0.465  -1.622  1.00 26.77 ? 294  VAL A CB  1 
ATOM   214 C CG1 . VAL A 1 27 ? 0.230   -0.966  -1.144  1.00 24.23 ? 294  VAL A CG1 1 
ATOM   215 C CG2 . VAL A 1 27 ? 2.753   -1.039  -0.701  1.00 25.87 ? 294  VAL A CG2 1 
ATOM   216 N N   . THR A 1 28 ? 0.070   -1.659  -4.415  1.00 24.71 ? 295  THR A N   1 
ATOM   217 C CA  . THR A 1 28 ? -1.226  -1.565  -5.107  1.00 25.81 ? 295  THR A CA  1 
ATOM   218 C C   . THR A 1 28 ? -2.351  -1.238  -4.114  1.00 26.24 ? 295  THR A C   1 
ATOM   219 O O   . THR A 1 28 ? -2.626  -2.014  -3.195  1.00 26.57 ? 295  THR A O   1 
ATOM   220 C CB  . THR A 1 28 ? -1.572  -2.871  -5.801  1.00 25.64 ? 295  THR A CB  1 
ATOM   221 O OG1 . THR A 1 28 ? -0.434  -3.326  -6.541  1.00 27.54 ? 295  THR A OG1 1 
ATOM   222 C CG2 . THR A 1 28 ? -2.781  -2.670  -6.737  1.00 27.42 ? 295  THR A CG2 1 
ATOM   223 N N   . LEU A 1 29 ? -2.999  -0.100  -4.289  1.00 25.92 ? 296  LEU A N   1 
ATOM   224 C CA  . LEU A 1 29 ? -4.042  0.304   -3.369  1.00 27.89 ? 296  LEU A CA  1 
ATOM   225 C C   . LEU A 1 29 ? -5.319  -0.481  -3.692  1.00 28.54 ? 296  LEU A C   1 
ATOM   226 O O   . LEU A 1 29 ? -5.734  -0.495  -4.848  1.00 29.33 ? 296  LEU A O   1 
ATOM   227 C CB  . LEU A 1 29 ? -4.280  1.779   -3.559  1.00 27.90 ? 296  LEU A CB  1 
ATOM   228 C CG  . LEU A 1 29 ? -4.462  2.605   -2.312  1.00 31.27 ? 296  LEU A CG  1 
ATOM   229 C CD1 . LEU A 1 29 ? -3.296  2.355   -1.366  1.00 33.70 ? 296  LEU A CD1 1 
ATOM   230 C CD2 . LEU A 1 29 ? -4.543  4.086   -2.689  1.00 34.06 ? 296  LEU A CD2 1 
ATOM   231 N N   . ILE A 1 30 ? -5.903  -1.174  -2.720  1.00 27.29 ? 297  ILE A N   1 
ATOM   232 C CA  . ILE A 1 30 ? -7.104  -1.990  -2.994  1.00 28.71 ? 297  ILE A CA  1 
ATOM   233 C C   . ILE A 1 30 ? -8.351  -1.257  -2.496  1.00 29.10 ? 297  ILE A C   1 
ATOM   234 O O   . ILE A 1 30 ? -9.348  -1.135  -3.224  1.00 29.77 ? 297  ILE A O   1 
ATOM   235 C CB  . ILE A 1 30 ? -7.025  -3.441  -2.383  1.00 28.53 ? 297  ILE A CB  1 
ATOM   236 C CG1 . ILE A 1 30 ? -5.809  -4.223  -2.898  1.00 27.41 ? 297  ILE A CG1 1 
ATOM   237 C CG2 . ILE A 1 30 ? -8.338  -4.242  -2.607  1.00 30.38 ? 297  ILE A CG2 1 
ATOM   238 C CD1 . ILE A 1 30 ? -5.731  -4.363  -4.443  1.00 29.18 ? 297  ILE A CD1 1 
ATOM   239 N N   . ASN A 1 31 ? -8.283  -0.732  -1.278  1.00 29.04 ? 298  ASN A N   1 
ATOM   240 C CA  . ASN A 1 31 ? -9.429  -0.097  -0.678  1.00 29.79 ? 298  ASN A CA  1 
ATOM   241 C C   . ASN A 1 31 ? -8.949  0.909   0.332   1.00 29.45 ? 298  ASN A C   1 
ATOM   242 O O   . ASN A 1 31 ? -8.125  0.585   1.190   1.00 28.82 ? 298  ASN A O   1 
ATOM   243 C CB  . ASN A 1 31 ? -10.326 -1.145  0.002   1.00 30.58 ? 298  ASN A CB  1 
ATOM   244 C CG  . ASN A 1 31 ? -11.762 -0.689  0.131   1.00 34.83 ? 298  ASN A CG  1 
ATOM   245 O OD1 . ASN A 1 31 ? -12.085 0.515   0.040   1.00 36.38 ? 298  ASN A OD1 1 
ATOM   246 N ND2 . ASN A 1 31 ? -12.658 -1.660  0.345   1.00 41.52 ? 298  ASN A ND2 1 
ATOM   247 N N   . LYS A 1 32 ? -9.477  2.127   0.210   1.00 29.03 ? 299  LYS A N   1 
ATOM   248 C CA  . LYS A 1 32 ? -9.232  3.238   1.136   1.00 29.13 ? 299  LYS A CA  1 
ATOM   249 C C   . LYS A 1 32 ? -10.199 3.211   2.306   1.00 28.70 ? 299  LYS A C   1 
ATOM   250 O O   . LYS A 1 32 ? -9.901  3.763   3.340   1.00 29.07 ? 299  LYS A O   1 
ATOM   251 C CB  . LYS A 1 32 ? -9.333  4.616   0.426   1.00 28.79 ? 299  LYS A CB  1 
ATOM   252 C CG  . LYS A 1 32 ? -8.161  4.911   -0.488  1.00 29.29 ? 299  LYS A CG  1 
ATOM   253 C CD  . LYS A 1 32 ? -8.215  6.315   -1.053  1.00 29.76 ? 299  LYS A CD  1 
ATOM   254 C CE  . LYS A 1 32 ? -7.113  6.512   -2.082  1.00 32.73 ? 299  LYS A CE  1 
ATOM   255 N NZ  . LYS A 1 32 ? -7.098  7.914   -2.586  1.00 37.77 ? 299  LYS A NZ  1 
ATOM   256 N N   . ASP A 1 33 ? -11.350 2.584   2.130   1.00 28.86 ? 300  ASP A N   1 
ATOM   257 C CA  . ASP A 1 33 ? -12.332 2.426   3.218   1.00 29.52 ? 300  ASP A CA  1 
ATOM   258 C C   . ASP A 1 33 ? -12.186 1.095   3.932   1.00 29.33 ? 300  ASP A C   1 
ATOM   259 O O   . ASP A 1 33 ? -12.544 0.027   3.418   1.00 28.99 ? 300  ASP A O   1 
ATOM   260 C CB  . ASP A 1 33 ? -13.757 2.586   2.689   1.00 29.57 ? 300  ASP A CB  1 
ATOM   261 C CG  . ASP A 1 33 ? -13.989 3.962   2.084   1.00 31.47 ? 300  ASP A CG  1 
ATOM   262 O OD1 . ASP A 1 33 ? -13.611 4.963   2.726   1.00 33.21 ? 300  ASP A OD1 1 
ATOM   263 O OD2 . ASP A 1 33 ? -14.524 4.038   0.965   1.00 35.08 ? 300  ASP A OD2 1 
ATOM   264 N N   . CYS A 1 34 ? -11.634 1.180   5.135   1.00 29.92 ? 301  CYS A N   1 
ATOM   265 C CA  . CYS A 1 34 ? -11.338 0.013   5.950   1.00 29.31 ? 301  CYS A CA  1 
ATOM   266 C C   . CYS A 1 34 ? -12.074 0.182   7.278   1.00 28.81 ? 301  CYS A C   1 
ATOM   267 O O   . CYS A 1 34 ? -12.604 1.269   7.543   1.00 28.34 ? 301  CYS A O   1 
ATOM   268 C CB  . CYS A 1 34 ? -9.835  -0.061  6.147   1.00 29.33 ? 301  CYS A CB  1 
ATOM   269 S SG  . CYS A 1 34 ? -8.976  -0.566  4.658   1.00 30.99 ? 301  CYS A SG  1 
ATOM   270 N N   . ILE A 1 35 ? -12.114 -0.875  8.098   1.00 28.39 ? 302  ILE A N   1 
ATOM   271 C CA  . ILE A 1 35 ? -12.742 -0.797  9.420   1.00 28.37 ? 302  ILE A CA  1 
ATOM   272 C C   . ILE A 1 35 ? -12.088 0.296   10.268  1.00 29.32 ? 302  ILE A C   1 
ATOM   273 O O   . ILE A 1 35 ? -12.782 1.059   10.957  1.00 29.89 ? 302  ILE A O   1 
ATOM   274 C CB  . ILE A 1 35 ? -12.692 -2.173  10.159  1.00 28.83 ? 302  ILE A CB  1 
ATOM   275 C CG1 . ILE A 1 35 ? -13.641 -3.204  9.497   1.00 28.17 ? 302  ILE A CG1 1 
ATOM   276 C CG2 . ILE A 1 35 ? -13.027 -2.001  11.652  1.00 28.06 ? 302  ILE A CG2 1 
ATOM   277 C CD1 . ILE A 1 35 ? -13.314 -4.688  9.831   1.00 28.59 ? 302  ILE A CD1 1 
ATOM   278 N N   . ASP A 1 36 ? -10.751 0.401   10.187  1.00 28.84 ? 303  ASP A N   1 
ATOM   279 C CA  . ASP A 1 36 ? -9.984  1.345   11.027  1.00 28.49 ? 303  ASP A CA  1 
ATOM   280 C C   . ASP A 1 36 ? -9.772  2.659   10.329  1.00 29.13 ? 303  ASP A C   1 
ATOM   281 O O   . ASP A 1 36 ? -9.372  2.701   9.157   1.00 28.75 ? 303  ASP A O   1 
ATOM   282 C CB  . ASP A 1 36 ? -8.635  0.740   11.437  1.00 27.98 ? 303  ASP A CB  1 
ATOM   283 C CG  . ASP A 1 36 ? -8.797  -0.555  12.182  1.00 27.58 ? 303  ASP A CG  1 
ATOM   284 O OD1 . ASP A 1 36 ? -9.430  -0.565  13.250  1.00 28.61 ? 303  ASP A OD1 1 
ATOM   285 O OD2 . ASP A 1 36 ? -8.319  -1.584  11.694  1.00 28.35 ? 303  ASP A OD2 1 
ATOM   286 N N   . VAL A 1 37 ? -10.086 3.731   11.053  1.00 29.98 ? 304  VAL A N   1 
ATOM   287 C CA  . VAL A 1 37 ? -9.835  5.088   10.574  1.00 31.61 ? 304  VAL A CA  1 
ATOM   288 C C   . VAL A 1 37 ? -8.338  5.248   10.366  1.00 31.34 ? 304  VAL A C   1 
ATOM   289 O O   . VAL A 1 37 ? -7.553  4.874   11.232  1.00 31.77 ? 304  VAL A O   1 
ATOM   290 C CB  . VAL A 1 37 ? -10.357 6.153   11.591  1.00 32.30 ? 304  VAL A CB  1 
ATOM   291 C CG1 . VAL A 1 37 ? -9.942  7.569   11.178  1.00 32.51 ? 304  VAL A CG1 1 
ATOM   292 C CG2 . VAL A 1 37 ? -11.897 6.062   11.704  1.00 34.04 ? 304  VAL A CG2 1 
ATOM   293 N N   . GLY A 1 38 ? -7.955  5.787   9.203   1.00 31.17 ? 305  GLY A N   1 
ATOM   294 C CA  . GLY A 1 38 ? -6.560  6.095   8.913   1.00 30.00 ? 305  GLY A CA  1 
ATOM   295 C C   . GLY A 1 38 ? -5.722  4.980   8.338   1.00 29.89 ? 305  GLY A C   1 
ATOM   296 O O   . GLY A 1 38 ? -4.497  5.120   8.227   1.00 30.23 ? 305  GLY A O   1 
ATOM   297 N N   . TRP A 1 39 ? -6.354  3.857   7.994   1.00 28.77 ? 306  TRP A N   1 
ATOM   298 C CA  . TRP A 1 39 ? -5.637  2.695   7.461   1.00 27.39 ? 306  TRP A CA  1 
ATOM   299 C C   . TRP A 1 39 ? -6.165  2.378   6.056   1.00 26.83 ? 306  TRP A C   1 
ATOM   300 O O   . TRP A 1 39 ? -7.358  2.568   5.807   1.00 26.81 ? 306  TRP A O   1 
ATOM   301 C CB  . TRP A 1 39 ? -5.781  1.481   8.406   1.00 27.32 ? 306  TRP A CB  1 
ATOM   302 C CG  . TRP A 1 39 ? -4.920  1.596   9.639   1.00 27.36 ? 306  TRP A CG  1 
ATOM   303 C CD1 . TRP A 1 39 ? -5.031  2.544   10.610  1.00 28.97 ? 306  TRP A CD1 1 
ATOM   304 C CD2 . TRP A 1 39 ? -3.818  0.748   10.033  1.00 27.32 ? 306  TRP A CD2 1 
ATOM   305 N NE1 . TRP A 1 39 ? -4.070  2.351   11.577  1.00 27.89 ? 306  TRP A NE1 1 
ATOM   306 C CE2 . TRP A 1 39 ? -3.333  1.240   11.264  1.00 27.10 ? 306  TRP A CE2 1 
ATOM   307 C CE3 . TRP A 1 39 ? -3.207  -0.400  9.479   1.00 26.28 ? 306  TRP A CE3 1 
ATOM   308 C CZ2 . TRP A 1 39 ? -2.258  0.644   11.944  1.00 26.73 ? 306  TRP A CZ2 1 
ATOM   309 C CZ3 . TRP A 1 39 ? -2.127  -0.977  10.151  1.00 24.12 ? 306  TRP A CZ3 1 
ATOM   310 C CH2 . TRP A 1 39 ? -1.670  -0.457  11.377  1.00 25.75 ? 306  TRP A CH2 1 
ATOM   311 N N   . TRP A 1 40 ? -5.300  1.897   5.150   1.00 25.76 ? 307  TRP A N   1 
ATOM   312 C CA  . TRP A 1 40 ? -5.740  1.531   3.798   1.00 25.39 ? 307  TRP A CA  1 
ATOM   313 C C   . TRP A 1 40 ? -5.409  0.092   3.564   1.00 24.97 ? 307  TRP A C   1 
ATOM   314 O O   . TRP A 1 40 ? -4.471  -0.437  4.195   1.00 25.70 ? 307  TRP A O   1 
ATOM   315 C CB  . TRP A 1 40 ? -5.053  2.385   2.695   1.00 25.62 ? 307  TRP A CB  1 
ATOM   316 C CG  . TRP A 1 40 ? -5.498  3.835   2.628   1.00 25.99 ? 307  TRP A CG  1 
ATOM   317 C CD1 . TRP A 1 40 ? -6.606  4.374   3.180   1.00 24.86 ? 307  TRP A CD1 1 
ATOM   318 C CD2 . TRP A 1 40 ? -4.844  4.905   1.926   1.00 27.38 ? 307  TRP A CD2 1 
ATOM   319 N NE1 . TRP A 1 40 ? -6.699  5.704   2.878   1.00 24.37 ? 307  TRP A NE1 1 
ATOM   320 C CE2 . TRP A 1 40 ? -5.617  6.063   2.124   1.00 28.07 ? 307  TRP A CE2 1 
ATOM   321 C CE3 . TRP A 1 40 ? -3.659  5.003   1.173   1.00 31.23 ? 307  TRP A CE3 1 
ATOM   322 C CZ2 . TRP A 1 40 ? -5.255  7.311   1.589   1.00 30.81 ? 307  TRP A CZ2 1 
ATOM   323 C CZ3 . TRP A 1 40 ? -3.300  6.249   0.631   1.00 29.05 ? 307  TRP A CZ3 1 
ATOM   324 C CH2 . TRP A 1 40 ? -4.093  7.372   0.840   1.00 31.02 ? 307  TRP A CH2 1 
ATOM   325 N N   . GLU A 1 41 ? -6.140  -0.554  2.654   1.00 23.19 ? 308  GLU A N   1 
ATOM   326 C CA  . GLU A 1 41 ? -5.817  -1.920  2.264   1.00 23.11 ? 308  GLU A CA  1 
ATOM   327 C C   . GLU A 1 41 ? -5.000  -1.941  0.988   1.00 23.33 ? 308  GLU A C   1 
ATOM   328 O O   . GLU A 1 41 ? -5.346  -1.252  0.022   1.00 23.44 ? 308  GLU A O   1 
ATOM   329 C CB  . GLU A 1 41 ? -7.104  -2.728  2.058   1.00 23.54 ? 308  GLU A CB  1 
ATOM   330 C CG  . GLU A 1 41 ? -6.845  -4.158  1.836   1.00 23.91 ? 308  GLU A CG  1 
ATOM   331 C CD  . GLU A 1 41 ? -8.056  -4.925  1.345   1.00 27.61 ? 308  GLU A CD  1 
ATOM   332 O OE1 . GLU A 1 41 ? -9.105  -4.323  1.018   1.00 29.76 ? 308  GLU A OE1 1 
ATOM   333 O OE2 . GLU A 1 41 ? -7.935  -6.152  1.291   1.00 30.44 ? 308  GLU A OE2 1 
ATOM   334 N N   . GLY A 1 42 ? -3.948  -2.761  0.943   1.00 22.94 ? 309  GLY A N   1 
ATOM   335 C CA  . GLY A 1 42 ? -3.059  -2.765  -0.209  1.00 21.98 ? 309  GLY A CA  1 
ATOM   336 C C   . GLY A 1 42 ? -2.559  -4.147  -0.564  1.00 22.22 ? 309  GLY A C   1 
ATOM   337 O O   . GLY A 1 42 ? -2.745  -5.104  0.213   1.00 20.84 ? 309  GLY A O   1 
ATOM   338 N N   . GLU A 1 43 ? -1.925  -4.247  -1.737  1.00 22.27 ? 310  GLU A N   1 
ATOM   339 C CA  . GLU A 1 43 ? -1.241  -5.472  -2.141  1.00 25.51 ? 310  GLU A CA  1 
ATOM   340 C C   . GLU A 1 43 ? 0.178   -5.206  -2.549  1.00 25.46 ? 310  GLU A C   1 
ATOM   341 O O   . GLU A 1 43 ? 0.478   -4.244  -3.239  1.00 24.78 ? 310  GLU A O   1 
ATOM   342 C CB  . GLU A 1 43 ? -1.962  -6.181  -3.313  1.00 26.55 ? 310  GLU A CB  1 
ATOM   343 C CG  . GLU A 1 43 ? -3.269  -6.843  -2.926  1.00 32.85 ? 310  GLU A CG  1 
ATOM   344 C CD  . GLU A 1 43 ? -4.059  -7.353  -4.133  1.00 40.37 ? 310  GLU A CD  1 
ATOM   345 O OE1 . GLU A 1 43 ? -3.620  -7.102  -5.292  1.00 43.19 ? 310  GLU A OE1 1 
ATOM   346 O OE2 . GLU A 1 43 ? -5.124  -7.999  -3.904  1.00 44.74 ? 310  GLU A OE2 1 
ATOM   347 N N   . LEU A 1 44 ? 1.049   -6.122  -2.172  1.00 26.86 ? 311  LEU A N   1 
ATOM   348 C CA  . LEU A 1 44 ? 2.465   -5.959  -2.441  1.00 28.18 ? 311  LEU A CA  1 
ATOM   349 C C   . LEU A 1 44 ? 3.130   -7.298  -2.532  1.00 29.66 ? 311  LEU A C   1 
ATOM   350 O O   . LEU A 1 44 ? 3.074   -8.095  -1.585  1.00 29.08 ? 311  LEU A O   1 
ATOM   351 C CB  . LEU A 1 44 ? 3.137   -5.139  -1.336  1.00 27.50 ? 311  LEU A CB  1 
ATOM   352 C CG  . LEU A 1 44 ? 4.640   -4.901  -1.454  1.00 27.09 ? 311  LEU A CG  1 
ATOM   353 C CD1 . LEU A 1 44 ? 4.927   -4.042  -2.690  1.00 27.78 ? 311  LEU A CD1 1 
ATOM   354 C CD2 . LEU A 1 44 ? 5.097   -4.200  -0.179  1.00 26.63 ? 311  LEU A CD2 1 
ATOM   355 N N   . ASN A 1 45 ? 3.747   -7.552  -3.689  1.00 31.97 ? 312  ASN A N   1 
ATOM   356 C CA  . ASN A 1 45 ? 4.623   -8.714  -3.839  1.00 34.35 ? 312  ASN A CA  1 
ATOM   357 C C   . ASN A 1 45 ? 3.999   -9.973  -3.302  1.00 35.04 ? 312  ASN A C   1 
ATOM   358 O O   . ASN A 1 45 ? 4.664   -10.724 -2.575  1.00 35.26 ? 312  ASN A O   1 
ATOM   359 C CB  . ASN A 1 45 ? 5.954   -8.475  -3.127  1.00 34.72 ? 312  ASN A CB  1 
ATOM   360 C CG  . ASN A 1 45 ? 6.867   -7.544  -3.912  1.00 38.50 ? 312  ASN A CG  1 
ATOM   361 O OD1 . ASN A 1 45 ? 7.016   -7.704  -5.133  1.00 43.84 ? 312  ASN A OD1 1 
ATOM   362 N ND2 . ASN A 1 45 ? 7.504   -6.571  -3.219  1.00 37.86 ? 312  ASN A ND2 1 
ATOM   363 N N   . GLY A 1 46 ? 2.710   -10.183 -3.624  1.00 34.66 ? 313  GLY A N   1 
ATOM   364 C CA  . GLY A 1 46 ? 2.029   -11.410 -3.248  1.00 33.52 ? 313  GLY A CA  1 
ATOM   365 C C   . GLY A 1 46 ? 1.293   -11.428 -1.925  1.00 33.04 ? 313  GLY A C   1 
ATOM   366 O O   . GLY A 1 46 ? 0.564   -12.368 -1.636  1.00 34.22 ? 313  GLY A O   1 
ATOM   367 N N   . ARG A 1 47 ? 1.453   -10.386 -1.126  1.00 31.52 ? 314  ARG A N   1 
ATOM   368 C CA  . ARG A 1 47 ? 0.774   -10.286 0.150   1.00 30.46 ? 314  ARG A CA  1 
ATOM   369 C C   . ARG A 1 47 ? -0.246  -9.170  0.104   1.00 29.97 ? 314  ARG A C   1 
ATOM   370 O O   . ARG A 1 47 ? -0.234  -8.348  -0.800  1.00 30.20 ? 314  ARG A O   1 
ATOM   371 C CB  . ARG A 1 47 ? 1.803   -10.003 1.243   1.00 30.78 ? 314  ARG A CB  1 
ATOM   372 C CG  . ARG A 1 47 ? 2.800   -11.176 1.415   1.00 32.89 ? 314  ARG A CG  1 
ATOM   373 C CD  . ARG A 1 47 ? 4.191   -10.708 1.845   1.00 35.08 ? 314  ARG A CD  1 
ATOM   374 N NE  . ARG A 1 47 ? 5.194   -11.790 1.780   1.00 35.37 ? 314  ARG A NE  1 
ATOM   375 C CZ  . ARG A 1 47 ? 6.187   -11.873 0.890   1.00 33.96 ? 314  ARG A CZ  1 
ATOM   376 N NH1 . ARG A 1 47 ? 6.320   -10.945 -0.036  1.00 29.41 ? 314  ARG A NH1 1 
ATOM   377 N NH2 . ARG A 1 47 ? 7.067   -12.886 0.950   1.00 32.73 ? 314  ARG A NH2 1 
ATOM   378 N N   . ARG A 1 48 ? -1.089  -9.098  1.116   1.00 29.14 ? 315  ARG A N   1 
ATOM   379 C CA  . ARG A 1 48 ? -2.127  -8.099  1.150   1.00 28.83 ? 315  ARG A CA  1 
ATOM   380 C C   . ARG A 1 48 ? -2.497  -7.752  2.583   1.00 27.64 ? 315  ARG A C   1 
ATOM   381 O O   . ARG A 1 48 ? -2.426  -8.601  3.459   1.00 28.30 ? 315  ARG A O   1 
ATOM   382 C CB  . ARG A 1 48 ? -3.329  -8.619  0.344   1.00 30.69 ? 315  ARG A CB  1 
ATOM   383 C CG  . ARG A 1 48 ? -4.209  -9.605  1.025   1.00 32.90 ? 315  ARG A CG  1 
ATOM   384 C CD  . ARG A 1 48 ? -5.524  -8.922  1.447   1.00 44.13 ? 315  ARG A CD  1 
ATOM   385 N NE  . ARG A 1 48 ? -6.321  -8.400  0.322   1.00 47.27 ? 315  ARG A NE  1 
ATOM   386 C CZ  . ARG A 1 48 ? -6.282  -8.888  -0.918  1.00 50.74 ? 315  ARG A CZ  1 
ATOM   387 N NH1 . ARG A 1 48 ? -5.499  -9.926  -1.193  1.00 51.81 ? 315  ARG A NH1 1 
ATOM   388 N NH2 . ARG A 1 48 ? -7.031  -8.357  -1.882  1.00 52.75 ? 315  ARG A NH2 1 
ATOM   389 N N   . GLY A 1 49 ? -2.908  -6.517  2.844   1.00 25.56 ? 316  GLY A N   1 
ATOM   390 C CA  . GLY A 1 49 ? -3.323  -6.189  4.187   1.00 24.39 ? 316  GLY A CA  1 
ATOM   391 C C   . GLY A 1 49 ? -3.473  -4.696  4.331   1.00 23.61 ? 316  GLY A C   1 
ATOM   392 O O   . GLY A 1 49 ? -3.299  -3.962  3.366   1.00 23.23 ? 316  GLY A O   1 
ATOM   393 N N   . VAL A 1 50 ? -3.759  -4.265  5.552   1.00 23.09 ? 317  VAL A N   1 
ATOM   394 C CA  . VAL A 1 50 ? -3.954  -2.876  5.870   1.00 22.66 ? 317  VAL A CA  1 
ATOM   395 C C   . VAL A 1 50 ? -2.655  -2.285  6.409   1.00 23.09 ? 317  VAL A C   1 
ATOM   396 O O   . VAL A 1 50 ? -1.844  -2.982  7.026   1.00 22.28 ? 317  VAL A O   1 
ATOM   397 C CB  . VAL A 1 50 ? -5.159  -2.654  6.858   1.00 23.44 ? 317  VAL A CB  1 
ATOM   398 C CG1 . VAL A 1 50 ? -6.531  -2.945  6.164   1.00 21.24 ? 317  VAL A CG1 1 
ATOM   399 C CG2 . VAL A 1 50 ? -5.013  -3.493  8.169   1.00 22.60 ? 317  VAL A CG2 1 
ATOM   400 N N   . PHE A 1 51 ? -2.466  -0.984  6.161   1.00 24.04 ? 318  PHE A N   1 
ATOM   401 C CA  . PHE A 1 51 ? -1.281  -0.262  6.619   1.00 23.92 ? 318  PHE A CA  1 
ATOM   402 C C   . PHE A 1 51 ? -1.790  1.143   6.913   1.00 24.34 ? 318  PHE A C   1 
ATOM   403 O O   . PHE A 1 51 ? -2.862  1.524   6.417   1.00 25.03 ? 318  PHE A O   1 
ATOM   404 C CB  . PHE A 1 51 ? -0.168  -0.272  5.543   1.00 23.22 ? 318  PHE A CB  1 
ATOM   405 C CG  . PHE A 1 51 ? -0.633  0.266   4.199   1.00 24.15 ? 318  PHE A CG  1 
ATOM   406 C CD1 . PHE A 1 51 ? -0.597  1.643   3.932   1.00 24.33 ? 318  PHE A CD1 1 
ATOM   407 C CD2 . PHE A 1 51 ? -1.172  -0.600  3.234   1.00 24.97 ? 318  PHE A CD2 1 
ATOM   408 C CE1 . PHE A 1 51 ? -1.082  2.159   2.707   1.00 23.69 ? 318  PHE A CE1 1 
ATOM   409 C CE2 . PHE A 1 51 ? -1.652  -0.110  2.007   1.00 24.33 ? 318  PHE A CE2 1 
ATOM   410 C CZ  . PHE A 1 51 ? -1.605  1.276   1.750   1.00 23.04 ? 318  PHE A CZ  1 
ATOM   411 N N   . PRO A 1 52 ? -1.024  1.939   7.697   1.00 24.58 ? 319  PRO A N   1 
ATOM   412 C CA  . PRO A 1 52 ? -1.440  3.308   8.019   1.00 25.34 ? 319  PRO A CA  1 
ATOM   413 C C   . PRO A 1 52 ? -1.292  4.185   6.784   1.00 26.78 ? 319  PRO A C   1 
ATOM   414 O O   . PRO A 1 52 ? -0.255  4.105   6.103   1.00 27.89 ? 319  PRO A O   1 
ATOM   415 C CB  . PRO A 1 52 ? -0.420  3.751   9.100   1.00 24.69 ? 319  PRO A CB  1 
ATOM   416 C CG  . PRO A 1 52 ? 0.438   2.548   9.390   1.00 24.61 ? 319  PRO A CG  1 
ATOM   417 C CD  . PRO A 1 52 ? 0.272   1.561   8.325   1.00 24.15 ? 319  PRO A CD  1 
ATOM   418 N N   . ASP A 1 53 ? -2.280  5.018   6.501   1.00 27.69 ? 320  ASP A N   1 
ATOM   419 C CA  . ASP A 1 53 ? -2.287  5.746   5.225   1.00 30.19 ? 320  ASP A CA  1 
ATOM   420 C C   . ASP A 1 53 ? -1.236  6.866   5.091   1.00 31.15 ? 320  ASP A C   1 
ATOM   421 O O   . ASP A 1 53 ? -0.953  7.290   3.970   1.00 31.32 ? 320  ASP A O   1 
ATOM   422 C CB  . ASP A 1 53 ? -3.695  6.204   4.804   1.00 29.30 ? 320  ASP A CB  1 
ATOM   423 C CG  . ASP A 1 53 ? -4.287  7.209   5.723   1.00 32.11 ? 320  ASP A CG  1 
ATOM   424 O OD1 . ASP A 1 53 ? -3.555  7.979   6.371   1.00 36.86 ? 320  ASP A OD1 1 
ATOM   425 O OD2 . ASP A 1 53 ? -5.516  7.240   5.821   1.00 35.88 ? 320  ASP A OD2 1 
ATOM   426 N N   . ASN A 1 54 ? -0.628  7.300   6.203   1.00 31.92 ? 321  ASN A N   1 
ATOM   427 C CA  . ASN A 1 54 ? 0.413   8.346   6.116   1.00 33.06 ? 321  ASN A CA  1 
ATOM   428 C C   . ASN A 1 54 ? 1.843   7.844   6.099   1.00 31.97 ? 321  ASN A C   1 
ATOM   429 O O   . ASN A 1 54 ? 2.806   8.595   6.211   1.00 32.52 ? 321  ASN A O   1 
ATOM   430 C CB  . ASN A 1 54 ? 0.195   9.511   7.102   1.00 33.67 ? 321  ASN A CB  1 
ATOM   431 C CG  . ASN A 1 54 ? -0.004  9.065   8.524   1.00 36.70 ? 321  ASN A CG  1 
ATOM   432 O OD1 . ASN A 1 54 ? 0.479   7.989   8.956   1.00 38.50 ? 321  ASN A OD1 1 
ATOM   433 N ND2 . ASN A 1 54 ? -0.714  9.916   9.294   1.00 37.33 ? 321  ASN A ND2 1 
ATOM   434 N N   . PHE A 1 55 ? 1.968   6.549   5.903   1.00 30.48 ? 322  PHE A N   1 
ATOM   435 C CA  . PHE A 1 55 ? 3.242   5.940   5.688   1.00 29.45 ? 322  PHE A CA  1 
ATOM   436 C C   . PHE A 1 55 ? 3.524   5.889   4.187   1.00 28.34 ? 322  PHE A C   1 
ATOM   437 O O   . PHE A 1 55 ? 4.540   5.332   3.756   1.00 28.71 ? 322  PHE A O   1 
ATOM   438 C CB  . PHE A 1 55 ? 3.218   4.523   6.236   1.00 29.38 ? 322  PHE A CB  1 
ATOM   439 C CG  . PHE A 1 55 ? 3.422   4.428   7.737   1.00 30.49 ? 322  PHE A CG  1 
ATOM   440 C CD1 . PHE A 1 55 ? 2.717   5.253   8.626   1.00 32.08 ? 322  PHE A CD1 1 
ATOM   441 C CD2 . PHE A 1 55 ? 4.306   3.487   8.250   1.00 31.20 ? 322  PHE A CD2 1 
ATOM   442 C CE1 . PHE A 1 55 ? 2.912   5.126   10.000  1.00 32.44 ? 322  PHE A CE1 1 
ATOM   443 C CE2 . PHE A 1 55 ? 4.498   3.358   9.620   1.00 31.47 ? 322  PHE A CE2 1 
ATOM   444 C CZ  . PHE A 1 55 ? 3.801   4.155   10.478  1.00 30.68 ? 322  PHE A CZ  1 
ATOM   445 N N   . VAL A 1 56 ? 2.595   6.389   3.385   1.00 27.31 ? 323  VAL A N   1 
ATOM   446 C CA  . VAL A 1 56 ? 2.710   6.239   1.919   1.00 25.96 ? 323  VAL A CA  1 
ATOM   447 C C   . VAL A 1 56 ? 2.294   7.508   1.231   1.00 26.95 ? 323  VAL A C   1 
ATOM   448 O O   . VAL A 1 56 ? 1.616   8.365   1.813   1.00 27.11 ? 323  VAL A O   1 
ATOM   449 C CB  . VAL A 1 56 ? 1.864   5.070   1.344   1.00 25.58 ? 323  VAL A CB  1 
ATOM   450 C CG1 . VAL A 1 56 ? 2.147   3.768   2.101   1.00 25.42 ? 323  VAL A CG1 1 
ATOM   451 C CG2 . VAL A 1 56 ? 0.354   5.414   1.315   1.00 21.83 ? 323  VAL A CG2 1 
ATOM   452 N N   . LYS A 1 57 ? 2.653   7.587   -0.048  1.00 27.60 ? 324  LYS A N   1 
ATOM   453 C CA  . LYS A 1 57 ? 2.383   8.754   -0.864  1.00 28.19 ? 324  LYS A CA  1 
ATOM   454 C C   . LYS A 1 57 ? 1.710   8.269   -2.157  1.00 27.45 ? 324  LYS A C   1 
ATOM   455 O O   . LYS A 1 57 ? 2.203   7.345   -2.840  1.00 26.42 ? 324  LYS A O   1 
ATOM   456 C CB  . LYS A 1 57 ? 3.722   9.463   -1.146  1.00 28.63 ? 324  LYS A CB  1 
ATOM   457 C CG  . LYS A 1 57 ? 3.692   10.421  -2.284  1.00 32.07 ? 324  LYS A CG  1 
ATOM   458 C CD  . LYS A 1 57 ? 5.104   10.824  -2.716  1.00 35.29 ? 324  LYS A CD  1 
ATOM   459 C CE  . LYS A 1 57 ? 5.021   11.663  -4.010  1.00 39.08 ? 324  LYS A CE  1 
ATOM   460 N NZ  . LYS A 1 57 ? 6.184   12.604  -4.135  1.00 40.69 ? 324  LYS A NZ  1 
ATOM   461 N N   . LEU A 1 58 ? 0.552   8.855   -2.456  1.00 27.41 ? 325  LEU A N   1 
ATOM   462 C CA  . LEU A 1 58 ? -0.187  8.517   -3.678  1.00 27.86 ? 325  LEU A CA  1 
ATOM   463 C C   . LEU A 1 58 ? 0.663   8.874   -4.901  1.00 28.24 ? 325  LEU A C   1 
ATOM   464 O O   . LEU A 1 58 ? 1.357   9.900   -4.906  1.00 28.55 ? 325  LEU A O   1 
ATOM   465 C CB  . LEU A 1 58 ? -1.510  9.262   -3.711  1.00 27.98 ? 325  LEU A CB  1 
ATOM   466 C CG  . LEU A 1 58 ? -2.452  8.879   -2.577  1.00 28.59 ? 325  LEU A CG  1 
ATOM   467 C CD1 . LEU A 1 58 ? -3.728  9.702   -2.653  1.00 30.04 ? 325  LEU A CD1 1 
ATOM   468 C CD2 . LEU A 1 58 ? -2.765  7.401   -2.671  1.00 29.54 ? 325  LEU A CD2 1 
ATOM   469 N N   . LEU A 1 59 ? 0.641   8.006   -5.906  1.00 28.70 ? 326  LEU A N   1 
ATOM   470 C CA  . LEU A 1 59 ? 1.412   8.196   -7.129  1.00 28.75 ? 326  LEU A CA  1 
ATOM   471 C C   . LEU A 1 59 ? 0.490   8.572   -8.283  1.00 28.51 ? 326  LEU A C   1 
ATOM   472 O O   . LEU A 1 59 ? -0.658  8.153   -8.294  1.00 29.17 ? 326  LEU A O   1 
ATOM   473 C CB  . LEU A 1 59 ? 2.189   6.913   -7.485  1.00 28.97 ? 326  LEU A CB  1 
ATOM   474 C CG  . LEU A 1 59 ? 3.266   6.426   -6.494  1.00 29.45 ? 326  LEU A CG  1 
ATOM   475 C CD1 . LEU A 1 59 ? 3.818   5.013   -6.834  1.00 30.75 ? 326  LEU A CD1 1 
ATOM   476 C CD2 . LEU A 1 59 ? 4.404   7.494   -6.337  1.00 32.96 ? 326  LEU A CD2 1 
ATOM   477 N N   . PRO A 1 60 ? 1.010   9.327   -9.283  1.00 28.31 ? 327  PRO A N   1 
ATOM   478 C CA  . PRO A 1 60 ? 0.264   9.542   -10.534 1.00 27.75 ? 327  PRO A CA  1 
ATOM   479 C C   . PRO A 1 60 ? 0.084   8.190   -11.176 1.00 27.53 ? 327  PRO A C   1 
ATOM   480 O O   . PRO A 1 60 ? 0.889   7.310   -10.916 1.00 27.33 ? 327  PRO A O   1 
ATOM   481 C CB  . PRO A 1 60 ? 1.213   10.404  -11.386 1.00 27.96 ? 327  PRO A CB  1 
ATOM   482 C CG  . PRO A 1 60 ? 2.598   10.199  -10.791 1.00 28.73 ? 327  PRO A CG  1 
ATOM   483 C CD  . PRO A 1 60 ? 2.365   9.922   -9.319  1.00 27.99 ? 327  PRO A CD  1 
ATOM   484 N N   . PRO A 1 61 ? -0.977  8.002   -11.979 1.00 28.63 ? 328  PRO A N   1 
ATOM   485 C CA  . PRO A 1 61 ? -1.212  6.623   -12.447 1.00 29.29 ? 328  PRO A CA  1 
ATOM   486 C C   . PRO A 1 61 ? -0.361  6.245   -13.671 1.00 30.42 ? 328  PRO A C   1 
ATOM   487 O O   . PRO A 1 61 ? -0.528  5.143   -14.207 1.00 32.37 ? 328  PRO A O   1 
ATOM   488 C CB  . PRO A 1 61 ? -2.713  6.620   -12.809 1.00 29.59 ? 328  PRO A CB  1 
ATOM   489 C CG  . PRO A 1 61 ? -3.007  8.033   -13.185 1.00 29.10 ? 328  PRO A CG  1 
ATOM   490 C CD  . PRO A 1 61 ? -2.039  8.933   -12.413 1.00 28.14 ? 328  PRO A CD  1 
ATOM   491 N N   . LEU A 1 62 ? 0.575   7.110   -14.065 1.00 29.73 ? 1    LEU A N   1 
ATOM   492 C CA  . LEU A 1 62 ? 1.345   6.956   -15.321 1.00 29.04 ? 1    LEU A CA  1 
ATOM   493 C C   . LEU A 1 62 ? 2.354   5.836   -15.259 1.00 29.31 ? 1    LEU A C   1 
ATOM   494 O O   . LEU A 1 62 ? 3.157   5.764   -14.320 1.00 29.12 ? 1    LEU A O   1 
ATOM   495 C CB  . LEU A 1 62 ? 2.045   8.274   -15.675 1.00 28.33 ? 1    LEU A CB  1 
ATOM   496 C CG  . LEU A 1 62 ? 1.155   9.525   -15.746 1.00 26.33 ? 1    LEU A CG  1 
ATOM   497 C CD1 . LEU A 1 62 ? 1.991   10.774  -15.948 1.00 24.21 ? 1    LEU A CD1 1 
ATOM   498 C CD2 . LEU A 1 62 ? 0.121   9.388   -16.863 1.00 25.18 ? 1    LEU A CD2 1 
ATOM   499 N N   . GLU A 1 63 ? 2.321   4.971   -16.273 1.00 29.71 ? 2    GLU A N   1 
ATOM   500 C CA  . GLU A 1 63 ? 3.219   3.807   -16.348 1.00 31.10 ? 2    GLU A CA  1 
ATOM   501 C C   . GLU A 1 63 ? 3.894   3.657   -17.686 1.00 30.97 ? 2    GLU A C   1 
ATOM   502 O O   . GLU A 1 63 ? 3.228   3.715   -18.718 1.00 30.52 ? 2    GLU A O   1 
ATOM   503 C CB  . GLU A 1 63 ? 2.438   2.535   -16.064 1.00 31.34 ? 2    GLU A CB  1 
ATOM   504 C CG  . GLU A 1 63 ? 2.782   1.942   -14.735 1.00 35.45 ? 2    GLU A CG  1 
ATOM   505 C CD  . GLU A 1 63 ? 2.034   0.653   -14.459 1.00 38.70 ? 2    GLU A CD  1 
ATOM   506 O OE1 . GLU A 1 63 ? 0.796   0.736   -14.284 1.00 40.31 ? 2    GLU A OE1 1 
ATOM   507 O OE2 . GLU A 1 63 ? 2.696   -0.406  -14.402 1.00 39.09 ? 2    GLU A OE2 1 
ATOM   508 N N   . HIS A 1 64 ? 5.211   3.472   -17.680 1.00 31.89 ? 3    HIS A N   1 
ATOM   509 C CA  . HIS A 1 64 ? 5.920   3.275   -18.935 1.00 33.01 ? 3    HIS A CA  1 
ATOM   510 C C   . HIS A 1 64 ? 5.562   1.926   -19.603 1.00 35.08 ? 3    HIS A C   1 
ATOM   511 O O   . HIS A 1 64 ? 5.141   0.982   -18.919 1.00 34.84 ? 3    HIS A O   1 
ATOM   512 C CB  . HIS A 1 64 ? 7.440   3.515   -18.811 1.00 32.18 ? 3    HIS A CB  1 
ATOM   513 C CG  . HIS A 1 64 ? 8.209   2.413   -18.151 1.00 30.74 ? 3    HIS A CG  1 
ATOM   514 N ND1 . HIS A 1 64 ? 8.284   1.134   -18.663 1.00 30.30 ? 3    HIS A ND1 1 
ATOM   515 C CD2 . HIS A 1 64 ? 8.997   2.420   -17.053 1.00 30.25 ? 3    HIS A CD2 1 
ATOM   516 C CE1 . HIS A 1 64 ? 9.059   0.393   -17.894 1.00 28.80 ? 3    HIS A CE1 1 
ATOM   517 N NE2 . HIS A 1 64 ? 9.519   1.153   -16.916 1.00 31.38 ? 3    HIS A NE2 1 
ATOM   518 N N   . HIS A 1 65 ? 5.688   1.876   -20.931 1.00 37.20 ? 4    HIS A N   1 
ATOM   519 C CA  . HIS A 1 65 ? 5.412   0.674   -21.736 1.00 39.86 ? 4    HIS A CA  1 
ATOM   520 C C   . HIS A 1 65 ? 6.127   -0.564  -21.167 1.00 42.70 ? 4    HIS A C   1 
ATOM   521 O O   . HIS A 1 65 ? 7.266   -0.462  -20.691 1.00 42.46 ? 4    HIS A O   1 
ATOM   522 C CB  . HIS A 1 65 ? 5.838   0.917   -23.186 1.00 39.22 ? 4    HIS A CB  1 
ATOM   523 C CG  . HIS A 1 65 ? 7.316   1.088   -23.351 1.00 39.29 ? 4    HIS A CG  1 
ATOM   524 N ND1 . HIS A 1 65 ? 8.143   0.069   -23.767 1.00 41.17 ? 4    HIS A ND1 1 
ATOM   525 C CD2 . HIS A 1 65 ? 8.119   2.150   -23.124 1.00 37.51 ? 4    HIS A CD2 1 
ATOM   526 C CE1 . HIS A 1 65 ? 9.390   0.500   -23.803 1.00 38.82 ? 4    HIS A CE1 1 
ATOM   527 N NE2 . HIS A 1 65 ? 9.401   1.763   -23.426 1.00 40.21 ? 4    HIS A NE2 1 
ATOM   528 N N   . HIS A 1 66 ? 5.461   -1.728  -21.205 1.00 46.39 ? 5    HIS A N   1 
ATOM   529 C CA  . HIS A 1 66 ? 6.033   -2.946  -20.613 1.00 50.06 ? 5    HIS A CA  1 
ATOM   530 C C   . HIS A 1 66 ? 6.277   -4.058  -21.622 1.00 51.97 ? 5    HIS A C   1 
ATOM   531 O O   . HIS A 1 66 ? 5.955   -3.904  -22.808 1.00 52.19 ? 5    HIS A O   1 
ATOM   532 C CB  . HIS A 1 66 ? 5.212   -3.427  -19.402 1.00 50.73 ? 5    HIS A CB  1 
ATOM   533 C CG  . HIS A 1 66 ? 5.449   -2.611  -18.163 1.00 53.40 ? 5    HIS A CG  1 
ATOM   534 N ND1 . HIS A 1 66 ? 6.706   -2.435  -17.617 1.00 55.34 ? 5    HIS A ND1 1 
ATOM   535 C CD2 . HIS A 1 66 ? 4.599   -1.898  -17.384 1.00 55.25 ? 5    HIS A CD2 1 
ATOM   536 C CE1 . HIS A 1 66 ? 6.617   -1.653  -16.554 1.00 56.33 ? 5    HIS A CE1 1 
ATOM   537 N NE2 . HIS A 1 66 ? 5.349   -1.314  -16.389 1.00 55.91 ? 5    HIS A NE2 1 
ATOM   538 N N   . HIS A 1 67 ? 6.870   -5.157  -21.141 1.00 54.41 ? 6    HIS A N   1 
ATOM   539 C CA  . HIS A 1 67 ? 7.248   -6.305  -21.985 1.00 56.36 ? 6    HIS A CA  1 
ATOM   540 C C   . HIS A 1 67 ? 6.670   -7.644  -21.545 1.00 56.58 ? 6    HIS A C   1 
ATOM   541 O O   . HIS A 1 67 ? 6.908   -8.659  -22.207 1.00 57.59 ? 6    HIS A O   1 
ATOM   542 C CB  . HIS A 1 67 ? 8.773   -6.422  -22.085 1.00 57.01 ? 6    HIS A CB  1 
ATOM   543 C CG  . HIS A 1 67 ? 9.366   -5.567  -23.158 1.00 59.50 ? 6    HIS A CG  1 
ATOM   544 N ND1 . HIS A 1 67 ? 10.354  -4.639  -22.909 1.00 61.26 ? 6    HIS A ND1 1 
ATOM   545 C CD2 . HIS A 1 67 ? 9.090   -5.483  -24.482 1.00 61.19 ? 6    HIS A CD2 1 
ATOM   546 C CE1 . HIS A 1 67 ? 10.670  -4.029  -24.039 1.00 62.71 ? 6    HIS A CE1 1 
ATOM   547 N NE2 . HIS A 1 67 ? 9.916   -4.520  -25.007 1.00 62.52 ? 6    HIS A NE2 1 
HETATM 548 O O   . HOH B 2 .  ? -4.208  7.123   -9.152  1.00 51.20 ? 2001 HOH A O   1 
HETATM 549 O O   . HOH B 2 .  ? 9.219   -1.507  13.443  1.00 35.77 ? 2002 HOH A O   1 
HETATM 550 O O   . HOH B 2 .  ? 9.785   -0.863  -6.960  1.00 35.18 ? 2003 HOH A O   1 
HETATM 551 O O   . HOH B 2 .  ? -8.599  -4.159  -6.468  1.00 43.78 ? 2004 HOH A O   1 
HETATM 552 O O   . HOH B 2 .  ? 2.289   0.545   -19.062 1.00 39.16 ? 2005 HOH A O   1 
HETATM 553 O O   . HOH B 2 .  ? 10.259  -1.583  -20.829 1.00 53.27 ? 2006 HOH A O   1 
HETATM 554 O O   . HOH B 2 .  ? 9.443   -4.320  -18.312 1.00 47.12 ? 2007 HOH A O   1 
HETATM 555 O O   . HOH B 2 .  ? -8.127  2.867   -4.366  1.00 46.55 ? 2008 HOH A O   1 
HETATM 556 O O   . HOH B 2 .  ? -2.978  6.623   -6.045  1.00 43.78 ? 2009 HOH A O   1 
HETATM 557 O O   . HOH B 2 .  ? -1.601  5.407   -9.062  1.00 28.06 ? 2010 HOH A O   1 
HETATM 558 O O   . HOH B 2 .  ? 10.312  6.340   -0.097  1.00 36.69 ? 2011 HOH A O   1 
HETATM 559 O O   . HOH B 2 .  ? 9.644   -3.695  7.304   1.00 41.78 ? 2012 HOH A O   1 
HETATM 560 O O   . HOH B 2 .  ? 7.047   -1.164  12.480  1.00 29.42 ? 2013 HOH A O   1 
HETATM 561 O O   . HOH B 2 .  ? 5.477   -9.100  10.612  1.00 31.52 ? 2014 HOH A O   1 
HETATM 562 O O   . HOH B 2 .  ? 4.878   -2.692  13.900  1.00 29.82 ? 2015 HOH A O   1 
HETATM 563 O O   . HOH B 2 .  ? 6.074   -3.961  15.987  1.00 51.46 ? 2016 HOH A O   1 
HETATM 564 O O   . HOH B 2 .  ? -6.485  -14.048 11.635  0.50 18.45 ? 2017 HOH A O   1 
HETATM 565 O O   . HOH B 2 .  ? -4.652  -15.157 8.008   1.00 24.45 ? 2018 HOH A O   1 
HETATM 566 O O   . HOH B 2 .  ? -4.048  -11.757 13.448  1.00 31.55 ? 2019 HOH A O   1 
HETATM 567 O O   . HOH B 2 .  ? -7.047  -12.153 11.608  0.50 18.18 ? 2020 HOH A O   1 
HETATM 568 O O   . HOH B 2 .  ? -8.031  -8.621  13.472  1.00 38.74 ? 2021 HOH A O   1 
HETATM 569 O O   . HOH B 2 .  ? 0.433   -9.902  8.115   1.00 27.39 ? 2022 HOH A O   1 
HETATM 570 O O   . HOH B 2 .  ? 0.462   -9.482  4.790   1.00 25.03 ? 2023 HOH A O   1 
HETATM 571 O O   . HOH B 2 .  ? 4.624   -7.399  2.815   1.00 23.60 ? 2024 HOH A O   1 
HETATM 572 O O   . HOH B 2 .  ? 11.596  6.611   6.648   1.00 41.00 ? 2025 HOH A O   1 
HETATM 573 O O   . HOH B 2 .  ? 11.963  7.260   1.814   1.00 56.20 ? 2026 HOH A O   1 
HETATM 574 O O   . HOH B 2 .  ? 9.308   -3.592  -3.315  1.00 36.00 ? 2027 HOH A O   1 
HETATM 575 O O   . HOH B 2 .  ? 7.860   -2.203  -5.213  1.00 33.79 ? 2028 HOH A O   1 
HETATM 576 O O   . HOH B 2 .  ? 5.683   -3.237  -6.327  1.00 36.63 ? 2029 HOH A O   1 
HETATM 577 O O   . HOH B 2 .  ? -0.679  -4.572  -9.389  1.00 45.11 ? 2030 HOH A O   1 
HETATM 578 O O   . HOH B 2 .  ? 2.202   -3.079  -6.356  1.00 32.22 ? 2031 HOH A O   1 
HETATM 579 O O   . HOH B 2 .  ? -6.164  -0.822  -7.394  1.00 38.54 ? 2032 HOH A O   1 
HETATM 580 O O   . HOH B 2 .  ? -11.147 3.034   -2.353  1.00 36.31 ? 2033 HOH A O   1 
HETATM 581 O O   . HOH B 2 .  ? -6.782  9.623   -0.968  1.00 45.73 ? 2034 HOH A O   1 
HETATM 582 O O   . HOH B 2 .  ? -12.622 3.591   6.728   1.00 40.86 ? 2035 HOH A O   1 
HETATM 583 O O   . HOH B 2 .  ? -13.416 2.196   12.919  1.00 46.04 ? 2036 HOH A O   1 
HETATM 584 O O   . HOH B 2 .  ? -13.021 3.833   9.713   1.00 43.49 ? 2037 HOH A O   1 
HETATM 585 O O   . HOH B 2 .  ? -11.226 -3.165  6.906   1.00 21.80 ? 2038 HOH A O   1 
HETATM 586 O O   . HOH B 2 .  ? -8.835  -1.795  9.044   1.00 21.62 ? 2039 HOH A O   1 
HETATM 587 O O   . HOH B 2 .  ? -9.903  3.352   6.634   1.00 27.59 ? 2040 HOH A O   1 
HETATM 588 O O   . HOH B 2 .  ? -10.118 1.239   15.223  1.00 47.08 ? 2041 HOH A O   1 
HETATM 589 O O   . HOH B 2 .  ? -10.926 3.368   13.827  1.00 36.43 ? 2042 HOH A O   1 
HETATM 590 O O   . HOH B 2 .  ? -7.071  3.565   13.365  1.00 37.22 ? 2043 HOH A O   1 
HETATM 591 O O   . HOH B 2 .  ? -2.890  6.914   9.664   1.00 35.26 ? 2044 HOH A O   1 
HETATM 592 O O   . HOH B 2 .  ? -3.684  3.407   14.620  1.00 40.71 ? 2045 HOH A O   1 
HETATM 593 O O   . HOH B 2 .  ? -9.678  -8.180  2.291   1.00 44.61 ? 2046 HOH A O   1 
HETATM 594 O O   . HOH B 2 .  ? -11.741 -4.859  -0.403  1.00 41.94 ? 2047 HOH A O   1 
HETATM 595 O O   . HOH B 2 .  ? -5.289  -6.056  -7.395  1.00 46.26 ? 2048 HOH A O   1 
HETATM 596 O O   . HOH B 2 .  ? 5.256   -7.860  0.561   1.00 27.88 ? 2049 HOH A O   1 
HETATM 597 O O   . HOH B 2 .  ? 3.385   -5.849  -6.120  1.00 44.07 ? 2050 HOH A O   1 
HETATM 598 O O   . HOH B 2 .  ? 0.429   -8.479  -4.999  1.00 52.08 ? 2051 HOH A O   1 
HETATM 599 O O   . HOH B 2 .  ? 9.888   -12.654 -0.018  1.00 40.04 ? 2052 HOH A O   1 
HETATM 600 O O   . HOH B 2 .  ? 8.760   -11.069 -1.836  1.00 49.40 ? 2053 HOH A O   1 
HETATM 601 O O   . HOH B 2 .  ? -4.065  -9.751  5.356   1.00 28.06 ? 2054 HOH A O   1 
HETATM 602 O O   . HOH B 2 .  ? -1.197  9.287   2.200   1.00 41.23 ? 2055 HOH A O   1 
HETATM 603 O O   . HOH B 2 .  ? -0.516  11.470  -0.750  1.00 39.39 ? 2056 HOH A O   1 
# 
loop_
_pdbx_poly_seq_scheme.asym_id 
_pdbx_poly_seq_scheme.entity_id 
_pdbx_poly_seq_scheme.seq_id 
_pdbx_poly_seq_scheme.mon_id 
_pdbx_poly_seq_scheme.ndb_seq_num 
_pdbx_poly_seq_scheme.pdb_seq_num 
_pdbx_poly_seq_scheme.auth_seq_num 
_pdbx_poly_seq_scheme.pdb_mon_id 
_pdbx_poly_seq_scheme.auth_mon_id 
_pdbx_poly_seq_scheme.pdb_strand_id 
_pdbx_poly_seq_scheme.pdb_ins_code 
_pdbx_poly_seq_scheme.hetero 
A 1 1  ALA 1  -2  -2  ALA ALA A . n 
A 1 2  SER 2  -1  -1  SER SER A . n 
A 1 3  ASP 3  270 270 ASP ASP A . n 
A 1 4  TYR 4  271 271 TYR TYR A . n 
A 1 5  CYS 5  272 272 CYS CYS A . n 
A 1 6  LYS 6  273 273 LYS LYS A . n 
A 1 7  VAL 7  274 274 VAL VAL A . n 
A 1 8  ILE 8  275 275 ILE ILE A . n 
A 1 9  PHE 9  276 276 PHE PHE A . n 
A 1 10 PRO 10 277 277 PRO PRO A . n 
A 1 11 TYR 11 278 278 TYR TYR A . n 
A 1 12 GLU 12 279 279 GLU GLU A . n 
A 1 13 ALA 13 280 280 ALA ALA A . n 
A 1 14 GLN 14 281 281 GLN GLN A . n 
A 1 15 ASN 15 282 282 ASN ASN A . n 
A 1 16 ASP 16 283 283 ASP ASP A . n 
A 1 17 ASP 17 284 284 ASP ASP A . n 
A 1 18 GLU 18 285 285 GLU GLU A . n 
A 1 19 LEU 19 286 286 LEU LEU A . n 
A 1 20 THR 20 287 287 THR THR A . n 
A 1 21 ILE 21 288 288 ILE ILE A . n 
A 1 22 LYS 22 289 289 LYS LYS A . n 
A 1 23 GLU 23 290 290 GLU GLU A . n 
A 1 24 GLY 24 291 291 GLY GLY A . n 
A 1 25 ASP 25 292 292 ASP ASP A . n 
A 1 26 ILE 26 293 293 ILE ILE A . n 
A 1 27 VAL 27 294 294 VAL VAL A . n 
A 1 28 THR 28 295 295 THR THR A . n 
A 1 29 LEU 29 296 296 LEU LEU A . n 
A 1 30 ILE 30 297 297 ILE ILE A . n 
A 1 31 ASN 31 298 298 ASN ASN A . n 
A 1 32 LYS 32 299 299 LYS LYS A . n 
A 1 33 ASP 33 300 300 ASP ASP A . n 
A 1 34 CYS 34 301 301 CYS CYS A . n 
A 1 35 ILE 35 302 302 ILE ILE A . n 
A 1 36 ASP 36 303 303 ASP ASP A . n 
A 1 37 VAL 37 304 304 VAL VAL A . n 
A 1 38 GLY 38 305 305 GLY GLY A . n 
A 1 39 TRP 39 306 306 TRP TRP A . n 
A 1 40 TRP 40 307 307 TRP TRP A . n 
A 1 41 GLU 41 308 308 GLU GLU A . n 
A 1 42 GLY 42 309 309 GLY GLY A . n 
A 1 43 GLU 43 310 310 GLU GLU A . n 
A 1 44 LEU 44 311 311 LEU LEU A . n 
A 1 45 ASN 45 312 312 ASN ASN A . n 
A 1 46 GLY 46 313 313 GLY GLY A . n 
A 1 47 ARG 47 314 314 ARG ARG A . n 
A 1 48 ARG 48 315 315 ARG ARG A . n 
A 1 49 GLY 49 316 316 GLY GLY A . n 
A 1 50 VAL 50 317 317 VAL VAL A . n 
A 1 51 PHE 51 318 318 PHE PHE A . n 
A 1 52 PRO 52 319 319 PRO PRO A . n 
A 1 53 ASP 53 320 320 ASP ASP A . n 
A 1 54 ASN 54 321 321 ASN ASN A . n 
A 1 55 PHE 55 322 322 PHE PHE A . n 
A 1 56 VAL 56 323 323 VAL VAL A . n 
A 1 57 LYS 57 324 324 LYS LYS A . n 
A 1 58 LEU 58 325 325 LEU LEU A . n 
A 1 59 LEU 59 326 326 LEU LEU A . n 
A 1 60 PRO 60 327 327 PRO PRO A . n 
A 1 61 PRO 61 328 328 PRO PRO A . n 
A 1 62 LEU 62 1   1   LEU LEU A . n 
A 1 63 GLU 63 2   2   GLU GLU A . n 
A 1 64 HIS 64 3   3   HIS HIS A . n 
A 1 65 HIS 65 4   4   HIS HIS A . n 
A 1 66 HIS 66 5   5   HIS HIS A . n 
A 1 67 HIS 67 6   6   HIS HIS A . n 
A 1 68 HIS 68 7   ?   ?   ?   A . n 
A 1 69 HIS 69 8   ?   ?   ?   A . n 
# 
loop_
_pdbx_nonpoly_scheme.asym_id 
_pdbx_nonpoly_scheme.entity_id 
_pdbx_nonpoly_scheme.mon_id 
_pdbx_nonpoly_scheme.ndb_seq_num 
_pdbx_nonpoly_scheme.pdb_seq_num 
_pdbx_nonpoly_scheme.auth_seq_num 
_pdbx_nonpoly_scheme.pdb_mon_id 
_pdbx_nonpoly_scheme.auth_mon_id 
_pdbx_nonpoly_scheme.pdb_strand_id 
_pdbx_nonpoly_scheme.pdb_ins_code 
B 2 HOH 1  2001 2001 HOH HOH A . 
B 2 HOH 2  2002 2002 HOH HOH A . 
B 2 HOH 3  2003 2003 HOH HOH A . 
B 2 HOH 4  2004 2004 HOH HOH A . 
B 2 HOH 5  2005 2005 HOH HOH A . 
B 2 HOH 6  2006 2006 HOH HOH A . 
B 2 HOH 7  2007 2007 HOH HOH A . 
B 2 HOH 8  2008 2008 HOH HOH A . 
B 2 HOH 9  2009 2009 HOH HOH A . 
B 2 HOH 10 2010 2010 HOH HOH A . 
B 2 HOH 11 2011 2011 HOH HOH A . 
B 2 HOH 12 2012 2012 HOH HOH A . 
B 2 HOH 13 2013 2013 HOH HOH A . 
B 2 HOH 14 2014 2014 HOH HOH A . 
B 2 HOH 15 2015 2015 HOH HOH A . 
B 2 HOH 16 2016 2016 HOH HOH A . 
B 2 HOH 17 2017 2017 HOH HOH A . 
B 2 HOH 18 2018 2018 HOH HOH A . 
B 2 HOH 19 2019 2019 HOH HOH A . 
B 2 HOH 20 2020 2020 HOH HOH A . 
B 2 HOH 21 2021 2021 HOH HOH A . 
B 2 HOH 22 2022 2022 HOH HOH A . 
B 2 HOH 23 2023 2023 HOH HOH A . 
B 2 HOH 24 2024 2024 HOH HOH A . 
B 2 HOH 25 2025 2025 HOH HOH A . 
B 2 HOH 26 2026 2026 HOH HOH A . 
B 2 HOH 27 2027 2027 HOH HOH A . 
B 2 HOH 28 2028 2028 HOH HOH A . 
B 2 HOH 29 2029 2029 HOH HOH A . 
B 2 HOH 30 2030 2030 HOH HOH A . 
B 2 HOH 31 2031 2031 HOH HOH A . 
B 2 HOH 32 2032 2032 HOH HOH A . 
B 2 HOH 33 2033 2033 HOH HOH A . 
B 2 HOH 34 2034 2034 HOH HOH A . 
B 2 HOH 35 2035 2035 HOH HOH A . 
B 2 HOH 36 2036 2036 HOH HOH A . 
B 2 HOH 37 2037 2037 HOH HOH A . 
B 2 HOH 38 2038 2038 HOH HOH A . 
B 2 HOH 39 2039 2039 HOH HOH A . 
B 2 HOH 40 2040 2040 HOH HOH A . 
B 2 HOH 41 2041 2041 HOH HOH A . 
B 2 HOH 42 2042 2042 HOH HOH A . 
B 2 HOH 43 2043 2043 HOH HOH A . 
B 2 HOH 44 2044 2044 HOH HOH A . 
B 2 HOH 45 2045 2045 HOH HOH A . 
B 2 HOH 46 2046 2046 HOH HOH A . 
B 2 HOH 47 2047 2047 HOH HOH A . 
B 2 HOH 48 2048 2048 HOH HOH A . 
B 2 HOH 49 2049 2049 HOH HOH A . 
B 2 HOH 50 2050 2050 HOH HOH A . 
B 2 HOH 51 2051 2051 HOH HOH A . 
B 2 HOH 52 2052 2052 HOH HOH A . 
B 2 HOH 53 2053 2053 HOH HOH A . 
B 2 HOH 54 2054 2054 HOH HOH A . 
B 2 HOH 55 2055 2055 HOH HOH A . 
B 2 HOH 56 2056 2056 HOH HOH A . 
# 
_pdbx_struct_assembly.id                   1 
_pdbx_struct_assembly.details              author_and_software_defined_assembly 
_pdbx_struct_assembly.method_details       PISA 
_pdbx_struct_assembly.oligomeric_details   monomeric 
_pdbx_struct_assembly.oligomeric_count     1 
# 
_pdbx_struct_assembly_gen.assembly_id       1 
_pdbx_struct_assembly_gen.oper_expression   1 
_pdbx_struct_assembly_gen.asym_id_list      A,B 
# 
_pdbx_struct_oper_list.id                   1 
_pdbx_struct_oper_list.type                 'identity operation' 
_pdbx_struct_oper_list.name                 1_555 
_pdbx_struct_oper_list.symmetry_operation   x,y,z 
_pdbx_struct_oper_list.matrix[1][1]         1.0000000000 
_pdbx_struct_oper_list.matrix[1][2]         0.0000000000 
_pdbx_struct_oper_list.matrix[1][3]         0.0000000000 
_pdbx_struct_oper_list.vector[1]            0.0000000000 
_pdbx_struct_oper_list.matrix[2][1]         0.0000000000 
_pdbx_struct_oper_list.matrix[2][2]         1.0000000000 
_pdbx_struct_oper_list.matrix[2][3]         0.0000000000 
_pdbx_struct_oper_list.vector[2]            0.0000000000 
_pdbx_struct_oper_list.matrix[3][1]         0.0000000000 
_pdbx_struct_oper_list.matrix[3][2]         0.0000000000 
_pdbx_struct_oper_list.matrix[3][3]         1.0000000000 
_pdbx_struct_oper_list.vector[3]            0.0000000000 
# 
loop_
_pdbx_audit_revision_history.ordinal 
_pdbx_audit_revision_history.data_content_type 
_pdbx_audit_revision_history.major_revision 
_pdbx_audit_revision_history.minor_revision 
_pdbx_audit_revision_history.revision_date 
1 'Structure model' 1 0 2012-03-28 
2 'Structure model' 1 1 2013-10-02 
3 'Structure model' 1 2 2023-12-20 
# 
_pdbx_audit_revision_details.ordinal             1 
_pdbx_audit_revision_details.revision_ordinal    1 
_pdbx_audit_revision_details.data_content_type   'Structure model' 
_pdbx_audit_revision_details.provider            repository 
_pdbx_audit_revision_details.type                'Initial release' 
_pdbx_audit_revision_details.description         ? 
_pdbx_audit_revision_details.details             ? 
# 
loop_
_pdbx_audit_revision_group.ordinal 
_pdbx_audit_revision_group.revision_ordinal 
_pdbx_audit_revision_group.data_content_type 
_pdbx_audit_revision_group.group 
1 2 'Structure model' 'Database references'    
2 3 'Structure model' 'Data collection'        
3 3 'Structure model' 'Database references'    
4 3 'Structure model' Other                    
5 3 'Structure model' 'Refinement description' 
# 
loop_
_pdbx_audit_revision_category.ordinal 
_pdbx_audit_revision_category.revision_ordinal 
_pdbx_audit_revision_category.data_content_type 
_pdbx_audit_revision_category.category 
1 3 'Structure model' chem_comp_atom                
2 3 'Structure model' chem_comp_bond                
3 3 'Structure model' database_2                    
4 3 'Structure model' pdbx_database_status          
5 3 'Structure model' pdbx_initial_refinement_model 
# 
loop_
_pdbx_audit_revision_item.ordinal 
_pdbx_audit_revision_item.revision_ordinal 
_pdbx_audit_revision_item.data_content_type 
_pdbx_audit_revision_item.item 
1 3 'Structure model' '_database_2.pdbx_DOI'                 
2 3 'Structure model' '_database_2.pdbx_database_accession'  
3 3 'Structure model' '_pdbx_database_status.status_code_sf' 
# 
loop_
_software.name 
_software.classification 
_software.version 
_software.citation_id 
_software.pdbx_ordinal 
REFMAC refinement       5.5.0109 ? 1 
MOSFLM 'data reduction' .        ? 2 
SCALA  'data scaling'   .        ? 3 
MOLREP phasing          .        ? 4 
# 
_pdbx_validate_polymer_linkage.id               1 
_pdbx_validate_polymer_linkage.PDB_model_num    1 
_pdbx_validate_polymer_linkage.auth_atom_id_1   C 
_pdbx_validate_polymer_linkage.auth_asym_id_1   A 
_pdbx_validate_polymer_linkage.auth_comp_id_1   SER 
_pdbx_validate_polymer_linkage.auth_seq_id_1    -1 
_pdbx_validate_polymer_linkage.PDB_ins_code_1   ? 
_pdbx_validate_polymer_linkage.label_alt_id_1   ? 
_pdbx_validate_polymer_linkage.auth_atom_id_2   N 
_pdbx_validate_polymer_linkage.auth_asym_id_2   A 
_pdbx_validate_polymer_linkage.auth_comp_id_2   ASP 
_pdbx_validate_polymer_linkage.auth_seq_id_2    270 
_pdbx_validate_polymer_linkage.PDB_ins_code_2   ? 
_pdbx_validate_polymer_linkage.label_alt_id_2   ? 
_pdbx_validate_polymer_linkage.dist             1.78 
# 
loop_
_pdbx_unobs_or_zero_occ_residues.id 
_pdbx_unobs_or_zero_occ_residues.PDB_model_num 
_pdbx_unobs_or_zero_occ_residues.polymer_flag 
_pdbx_unobs_or_zero_occ_residues.occupancy_flag 
_pdbx_unobs_or_zero_occ_residues.auth_asym_id 
_pdbx_unobs_or_zero_occ_residues.auth_comp_id 
_pdbx_unobs_or_zero_occ_residues.auth_seq_id 
_pdbx_unobs_or_zero_occ_residues.PDB_ins_code 
_pdbx_unobs_or_zero_occ_residues.label_asym_id 
_pdbx_unobs_or_zero_occ_residues.label_comp_id 
_pdbx_unobs_or_zero_occ_residues.label_seq_id 
1 1 Y 1 A HIS 7 ? A HIS 68 
2 1 Y 1 A HIS 8 ? A HIS 69 
# 
loop_
_chem_comp_atom.comp_id 
_chem_comp_atom.atom_id 
_chem_comp_atom.type_symbol 
_chem_comp_atom.pdbx_aromatic_flag 
_chem_comp_atom.pdbx_stereo_config 
_chem_comp_atom.pdbx_ordinal 
ALA N    N N N 1   
ALA CA   C N S 2   
ALA C    C N N 3   
ALA O    O N N 4   
ALA CB   C N N 5   
ALA OXT  O N N 6   
ALA H    H N N 7   
ALA H2   H N N 8   
ALA HA   H N N 9   
ALA HB1  H N N 10  
ALA HB2  H N N 11  
ALA HB3  H N N 12  
ALA HXT  H N N 13  
ARG N    N N N 14  
ARG CA   C N S 15  
ARG C    C N N 16  
ARG O    O N N 17  
ARG CB   C N N 18  
ARG CG   C N N 19  
ARG CD   C N N 20  
ARG NE   N N N 21  
ARG CZ   C N N 22  
ARG NH1  N N N 23  
ARG NH2  N N N 24  
ARG OXT  O N N 25  
ARG H    H N N 26  
ARG H2   H N N 27  
ARG HA   H N N 28  
ARG HB2  H N N 29  
ARG HB3  H N N 30  
ARG HG2  H N N 31  
ARG HG3  H N N 32  
ARG HD2  H N N 33  
ARG HD3  H N N 34  
ARG HE   H N N 35  
ARG HH11 H N N 36  
ARG HH12 H N N 37  
ARG HH21 H N N 38  
ARG HH22 H N N 39  
ARG HXT  H N N 40  
ASN N    N N N 41  
ASN CA   C N S 42  
ASN C    C N N 43  
ASN O    O N N 44  
ASN CB   C N N 45  
ASN CG   C N N 46  
ASN OD1  O N N 47  
ASN ND2  N N N 48  
ASN OXT  O N N 49  
ASN H    H N N 50  
ASN H2   H N N 51  
ASN HA   H N N 52  
ASN HB2  H N N 53  
ASN HB3  H N N 54  
ASN HD21 H N N 55  
ASN HD22 H N N 56  
ASN HXT  H N N 57  
ASP N    N N N 58  
ASP CA   C N S 59  
ASP C    C N N 60  
ASP O    O N N 61  
ASP CB   C N N 62  
ASP CG   C N N 63  
ASP OD1  O N N 64  
ASP OD2  O N N 65  
ASP OXT  O N N 66  
ASP H    H N N 67  
ASP H2   H N N 68  
ASP HA   H N N 69  
ASP HB2  H N N 70  
ASP HB3  H N N 71  
ASP HD2  H N N 72  
ASP HXT  H N N 73  
CYS N    N N N 74  
CYS CA   C N R 75  
CYS C    C N N 76  
CYS O    O N N 77  
CYS CB   C N N 78  
CYS SG   S N N 79  
CYS OXT  O N N 80  
CYS H    H N N 81  
CYS H2   H N N 82  
CYS HA   H N N 83  
CYS HB2  H N N 84  
CYS HB3  H N N 85  
CYS HG   H N N 86  
CYS HXT  H N N 87  
GLN N    N N N 88  
GLN CA   C N S 89  
GLN C    C N N 90  
GLN O    O N N 91  
GLN CB   C N N 92  
GLN CG   C N N 93  
GLN CD   C N N 94  
GLN OE1  O N N 95  
GLN NE2  N N N 96  
GLN OXT  O N N 97  
GLN H    H N N 98  
GLN H2   H N N 99  
GLN HA   H N N 100 
GLN HB2  H N N 101 
GLN HB3  H N N 102 
GLN HG2  H N N 103 
GLN HG3  H N N 104 
GLN HE21 H N N 105 
GLN HE22 H N N 106 
GLN HXT  H N N 107 
GLU N    N N N 108 
GLU CA   C N S 109 
GLU C    C N N 110 
GLU O    O N N 111 
GLU CB   C N N 112 
GLU CG   C N N 113 
GLU CD   C N N 114 
GLU OE1  O N N 115 
GLU OE2  O N N 116 
GLU OXT  O N N 117 
GLU H    H N N 118 
GLU H2   H N N 119 
GLU HA   H N N 120 
GLU HB2  H N N 121 
GLU HB3  H N N 122 
GLU HG2  H N N 123 
GLU HG3  H N N 124 
GLU HE2  H N N 125 
GLU HXT  H N N 126 
GLY N    N N N 127 
GLY CA   C N N 128 
GLY C    C N N 129 
GLY O    O N N 130 
GLY OXT  O N N 131 
GLY H    H N N 132 
GLY H2   H N N 133 
GLY HA2  H N N 134 
GLY HA3  H N N 135 
GLY HXT  H N N 136 
HIS N    N N N 137 
HIS CA   C N S 138 
HIS C    C N N 139 
HIS O    O N N 140 
HIS CB   C N N 141 
HIS CG   C Y N 142 
HIS ND1  N Y N 143 
HIS CD2  C Y N 144 
HIS CE1  C Y N 145 
HIS NE2  N Y N 146 
HIS OXT  O N N 147 
HIS H    H N N 148 
HIS H2   H N N 149 
HIS HA   H N N 150 
HIS HB2  H N N 151 
HIS HB3  H N N 152 
HIS HD1  H N N 153 
HIS HD2  H N N 154 
HIS HE1  H N N 155 
HIS HE2  H N N 156 
HIS HXT  H N N 157 
HOH O    O N N 158 
HOH H1   H N N 159 
HOH H2   H N N 160 
ILE N    N N N 161 
ILE CA   C N S 162 
ILE C    C N N 163 
ILE O    O N N 164 
ILE CB   C N S 165 
ILE CG1  C N N 166 
ILE CG2  C N N 167 
ILE CD1  C N N 168 
ILE OXT  O N N 169 
ILE H    H N N 170 
ILE H2   H N N 171 
ILE HA   H N N 172 
ILE HB   H N N 173 
ILE HG12 H N N 174 
ILE HG13 H N N 175 
ILE HG21 H N N 176 
ILE HG22 H N N 177 
ILE HG23 H N N 178 
ILE HD11 H N N 179 
ILE HD12 H N N 180 
ILE HD13 H N N 181 
ILE HXT  H N N 182 
LEU N    N N N 183 
LEU CA   C N S 184 
LEU C    C N N 185 
LEU O    O N N 186 
LEU CB   C N N 187 
LEU CG   C N N 188 
LEU CD1  C N N 189 
LEU CD2  C N N 190 
LEU OXT  O N N 191 
LEU H    H N N 192 
LEU H2   H N N 193 
LEU HA   H N N 194 
LEU HB2  H N N 195 
LEU HB3  H N N 196 
LEU HG   H N N 197 
LEU HD11 H N N 198 
LEU HD12 H N N 199 
LEU HD13 H N N 200 
LEU HD21 H N N 201 
LEU HD22 H N N 202 
LEU HD23 H N N 203 
LEU HXT  H N N 204 
LYS N    N N N 205 
LYS CA   C N S 206 
LYS C    C N N 207 
LYS O    O N N 208 
LYS CB   C N N 209 
LYS CG   C N N 210 
LYS CD   C N N 211 
LYS CE   C N N 212 
LYS NZ   N N N 213 
LYS OXT  O N N 214 
LYS H    H N N 215 
LYS H2   H N N 216 
LYS HA   H N N 217 
LYS HB2  H N N 218 
LYS HB3  H N N 219 
LYS HG2  H N N 220 
LYS HG3  H N N 221 
LYS HD2  H N N 222 
LYS HD3  H N N 223 
LYS HE2  H N N 224 
LYS HE3  H N N 225 
LYS HZ1  H N N 226 
LYS HZ2  H N N 227 
LYS HZ3  H N N 228 
LYS HXT  H N N 229 
PHE N    N N N 230 
PHE CA   C N S 231 
PHE C    C N N 232 
PHE O    O N N 233 
PHE CB   C N N 234 
PHE CG   C Y N 235 
PHE CD1  C Y N 236 
PHE CD2  C Y N 237 
PHE CE1  C Y N 238 
PHE CE2  C Y N 239 
PHE CZ   C Y N 240 
PHE OXT  O N N 241 
PHE H    H N N 242 
PHE H2   H N N 243 
PHE HA   H N N 244 
PHE HB2  H N N 245 
PHE HB3  H N N 246 
PHE HD1  H N N 247 
PHE HD2  H N N 248 
PHE HE1  H N N 249 
PHE HE2  H N N 250 
PHE HZ   H N N 251 
PHE HXT  H N N 252 
PRO N    N N N 253 
PRO CA   C N S 254 
PRO C    C N N 255 
PRO O    O N N 256 
PRO CB   C N N 257 
PRO CG   C N N 258 
PRO CD   C N N 259 
PRO OXT  O N N 260 
PRO H    H N N 261 
PRO HA   H N N 262 
PRO HB2  H N N 263 
PRO HB3  H N N 264 
PRO HG2  H N N 265 
PRO HG3  H N N 266 
PRO HD2  H N N 267 
PRO HD3  H N N 268 
PRO HXT  H N N 269 
SER N    N N N 270 
SER CA   C N S 271 
SER C    C N N 272 
SER O    O N N 273 
SER CB   C N N 274 
SER OG   O N N 275 
SER OXT  O N N 276 
SER H    H N N 277 
SER H2   H N N 278 
SER HA   H N N 279 
SER HB2  H N N 280 
SER HB3  H N N 281 
SER HG   H N N 282 
SER HXT  H N N 283 
THR N    N N N 284 
THR CA   C N S 285 
THR C    C N N 286 
THR O    O N N 287 
THR CB   C N R 288 
THR OG1  O N N 289 
THR CG2  C N N 290 
THR OXT  O N N 291 
THR H    H N N 292 
THR H2   H N N 293 
THR HA   H N N 294 
THR HB   H N N 295 
THR HG1  H N N 296 
THR HG21 H N N 297 
THR HG22 H N N 298 
THR HG23 H N N 299 
THR HXT  H N N 300 
TRP N    N N N 301 
TRP CA   C N S 302 
TRP C    C N N 303 
TRP O    O N N 304 
TRP CB   C N N 305 
TRP CG   C Y N 306 
TRP CD1  C Y N 307 
TRP CD2  C Y N 308 
TRP NE1  N Y N 309 
TRP CE2  C Y N 310 
TRP CE3  C Y N 311 
TRP CZ2  C Y N 312 
TRP CZ3  C Y N 313 
TRP CH2  C Y N 314 
TRP OXT  O N N 315 
TRP H    H N N 316 
TRP H2   H N N 317 
TRP HA   H N N 318 
TRP HB2  H N N 319 
TRP HB3  H N N 320 
TRP HD1  H N N 321 
TRP HE1  H N N 322 
TRP HE3  H N N 323 
TRP HZ2  H N N 324 
TRP HZ3  H N N 325 
TRP HH2  H N N 326 
TRP HXT  H N N 327 
TYR N    N N N 328 
TYR CA   C N S 329 
TYR C    C N N 330 
TYR O    O N N 331 
TYR CB   C N N 332 
TYR CG   C Y N 333 
TYR CD1  C Y N 334 
TYR CD2  C Y N 335 
TYR CE1  C Y N 336 
TYR CE2  C Y N 337 
TYR CZ   C Y N 338 
TYR OH   O N N 339 
TYR OXT  O N N 340 
TYR H    H N N 341 
TYR H2   H N N 342 
TYR HA   H N N 343 
TYR HB2  H N N 344 
TYR HB3  H N N 345 
TYR HD1  H N N 346 
TYR HD2  H N N 347 
TYR HE1  H N N 348 
TYR HE2  H N N 349 
TYR HH   H N N 350 
TYR HXT  H N N 351 
VAL N    N N N 352 
VAL CA   C N S 353 
VAL C    C N N 354 
VAL O    O N N 355 
VAL CB   C N N 356 
VAL CG1  C N N 357 
VAL CG2  C N N 358 
VAL OXT  O N N 359 
VAL H    H N N 360 
VAL H2   H N N 361 
VAL HA   H N N 362 
VAL HB   H N N 363 
VAL HG11 H N N 364 
VAL HG12 H N N 365 
VAL HG13 H N N 366 
VAL HG21 H N N 367 
VAL HG22 H N N 368 
VAL HG23 H N N 369 
VAL HXT  H N N 370 
# 
loop_
_chem_comp_bond.comp_id 
_chem_comp_bond.atom_id_1 
_chem_comp_bond.atom_id_2 
_chem_comp_bond.value_order 
_chem_comp_bond.pdbx_aromatic_flag 
_chem_comp_bond.pdbx_stereo_config 
_chem_comp_bond.pdbx_ordinal 
ALA N   CA   sing N N 1   
ALA N   H    sing N N 2   
ALA N   H2   sing N N 3   
ALA CA  C    sing N N 4   
ALA CA  CB   sing N N 5   
ALA CA  HA   sing N N 6   
ALA C   O    doub N N 7   
ALA C   OXT  sing N N 8   
ALA CB  HB1  sing N N 9   
ALA CB  HB2  sing N N 10  
ALA CB  HB3  sing N N 11  
ALA OXT HXT  sing N N 12  
ARG N   CA   sing N N 13  
ARG N   H    sing N N 14  
ARG N   H2   sing N N 15  
ARG CA  C    sing N N 16  
ARG CA  CB   sing N N 17  
ARG CA  HA   sing N N 18  
ARG C   O    doub N N 19  
ARG C   OXT  sing N N 20  
ARG CB  CG   sing N N 21  
ARG CB  HB2  sing N N 22  
ARG CB  HB3  sing N N 23  
ARG CG  CD   sing N N 24  
ARG CG  HG2  sing N N 25  
ARG CG  HG3  sing N N 26  
ARG CD  NE   sing N N 27  
ARG CD  HD2  sing N N 28  
ARG CD  HD3  sing N N 29  
ARG NE  CZ   sing N N 30  
ARG NE  HE   sing N N 31  
ARG CZ  NH1  sing N N 32  
ARG CZ  NH2  doub N N 33  
ARG NH1 HH11 sing N N 34  
ARG NH1 HH12 sing N N 35  
ARG NH2 HH21 sing N N 36  
ARG NH2 HH22 sing N N 37  
ARG OXT HXT  sing N N 38  
ASN N   CA   sing N N 39  
ASN N   H    sing N N 40  
ASN N   H2   sing N N 41  
ASN CA  C    sing N N 42  
ASN CA  CB   sing N N 43  
ASN CA  HA   sing N N 44  
ASN C   O    doub N N 45  
ASN C   OXT  sing N N 46  
ASN CB  CG   sing N N 47  
ASN CB  HB2  sing N N 48  
ASN CB  HB3  sing N N 49  
ASN CG  OD1  doub N N 50  
ASN CG  ND2  sing N N 51  
ASN ND2 HD21 sing N N 52  
ASN ND2 HD22 sing N N 53  
ASN OXT HXT  sing N N 54  
ASP N   CA   sing N N 55  
ASP N   H    sing N N 56  
ASP N   H2   sing N N 57  
ASP CA  C    sing N N 58  
ASP CA  CB   sing N N 59  
ASP CA  HA   sing N N 60  
ASP C   O    doub N N 61  
ASP C   OXT  sing N N 62  
ASP CB  CG   sing N N 63  
ASP CB  HB2  sing N N 64  
ASP CB  HB3  sing N N 65  
ASP CG  OD1  doub N N 66  
ASP CG  OD2  sing N N 67  
ASP OD2 HD2  sing N N 68  
ASP OXT HXT  sing N N 69  
CYS N   CA   sing N N 70  
CYS N   H    sing N N 71  
CYS N   H2   sing N N 72  
CYS CA  C    sing N N 73  
CYS CA  CB   sing N N 74  
CYS CA  HA   sing N N 75  
CYS C   O    doub N N 76  
CYS C   OXT  sing N N 77  
CYS CB  SG   sing N N 78  
CYS CB  HB2  sing N N 79  
CYS CB  HB3  sing N N 80  
CYS SG  HG   sing N N 81  
CYS OXT HXT  sing N N 82  
GLN N   CA   sing N N 83  
GLN N   H    sing N N 84  
GLN N   H2   sing N N 85  
GLN CA  C    sing N N 86  
GLN CA  CB   sing N N 87  
GLN CA  HA   sing N N 88  
GLN C   O    doub N N 89  
GLN C   OXT  sing N N 90  
GLN CB  CG   sing N N 91  
GLN CB  HB2  sing N N 92  
GLN CB  HB3  sing N N 93  
GLN CG  CD   sing N N 94  
GLN CG  HG2  sing N N 95  
GLN CG  HG3  sing N N 96  
GLN CD  OE1  doub N N 97  
GLN CD  NE2  sing N N 98  
GLN NE2 HE21 sing N N 99  
GLN NE2 HE22 sing N N 100 
GLN OXT HXT  sing N N 101 
GLU N   CA   sing N N 102 
GLU N   H    sing N N 103 
GLU N   H2   sing N N 104 
GLU CA  C    sing N N 105 
GLU CA  CB   sing N N 106 
GLU CA  HA   sing N N 107 
GLU C   O    doub N N 108 
GLU C   OXT  sing N N 109 
GLU CB  CG   sing N N 110 
GLU CB  HB2  sing N N 111 
GLU CB  HB3  sing N N 112 
GLU CG  CD   sing N N 113 
GLU CG  HG2  sing N N 114 
GLU CG  HG3  sing N N 115 
GLU CD  OE1  doub N N 116 
GLU CD  OE2  sing N N 117 
GLU OE2 HE2  sing N N 118 
GLU OXT HXT  sing N N 119 
GLY N   CA   sing N N 120 
GLY N   H    sing N N 121 
GLY N   H2   sing N N 122 
GLY CA  C    sing N N 123 
GLY CA  HA2  sing N N 124 
GLY CA  HA3  sing N N 125 
GLY C   O    doub N N 126 
GLY C   OXT  sing N N 127 
GLY OXT HXT  sing N N 128 
HIS N   CA   sing N N 129 
HIS N   H    sing N N 130 
HIS N   H2   sing N N 131 
HIS CA  C    sing N N 132 
HIS CA  CB   sing N N 133 
HIS CA  HA   sing N N 134 
HIS C   O    doub N N 135 
HIS C   OXT  sing N N 136 
HIS CB  CG   sing N N 137 
HIS CB  HB2  sing N N 138 
HIS CB  HB3  sing N N 139 
HIS CG  ND1  sing Y N 140 
HIS CG  CD2  doub Y N 141 
HIS ND1 CE1  doub Y N 142 
HIS ND1 HD1  sing N N 143 
HIS CD2 NE2  sing Y N 144 
HIS CD2 HD2  sing N N 145 
HIS CE1 NE2  sing Y N 146 
HIS CE1 HE1  sing N N 147 
HIS NE2 HE2  sing N N 148 
HIS OXT HXT  sing N N 149 
HOH O   H1   sing N N 150 
HOH O   H2   sing N N 151 
ILE N   CA   sing N N 152 
ILE N   H    sing N N 153 
ILE N   H2   sing N N 154 
ILE CA  C    sing N N 155 
ILE CA  CB   sing N N 156 
ILE CA  HA   sing N N 157 
ILE C   O    doub N N 158 
ILE C   OXT  sing N N 159 
ILE CB  CG1  sing N N 160 
ILE CB  CG2  sing N N 161 
ILE CB  HB   sing N N 162 
ILE CG1 CD1  sing N N 163 
ILE CG1 HG12 sing N N 164 
ILE CG1 HG13 sing N N 165 
ILE CG2 HG21 sing N N 166 
ILE CG2 HG22 sing N N 167 
ILE CG2 HG23 sing N N 168 
ILE CD1 HD11 sing N N 169 
ILE CD1 HD12 sing N N 170 
ILE CD1 HD13 sing N N 171 
ILE OXT HXT  sing N N 172 
LEU N   CA   sing N N 173 
LEU N   H    sing N N 174 
LEU N   H2   sing N N 175 
LEU CA  C    sing N N 176 
LEU CA  CB   sing N N 177 
LEU CA  HA   sing N N 178 
LEU C   O    doub N N 179 
LEU C   OXT  sing N N 180 
LEU CB  CG   sing N N 181 
LEU CB  HB2  sing N N 182 
LEU CB  HB3  sing N N 183 
LEU CG  CD1  sing N N 184 
LEU CG  CD2  sing N N 185 
LEU CG  HG   sing N N 186 
LEU CD1 HD11 sing N N 187 
LEU CD1 HD12 sing N N 188 
LEU CD1 HD13 sing N N 189 
LEU CD2 HD21 sing N N 190 
LEU CD2 HD22 sing N N 191 
LEU CD2 HD23 sing N N 192 
LEU OXT HXT  sing N N 193 
LYS N   CA   sing N N 194 
LYS N   H    sing N N 195 
LYS N   H2   sing N N 196 
LYS CA  C    sing N N 197 
LYS CA  CB   sing N N 198 
LYS CA  HA   sing N N 199 
LYS C   O    doub N N 200 
LYS C   OXT  sing N N 201 
LYS CB  CG   sing N N 202 
LYS CB  HB2  sing N N 203 
LYS CB  HB3  sing N N 204 
LYS CG  CD   sing N N 205 
LYS CG  HG2  sing N N 206 
LYS CG  HG3  sing N N 207 
LYS CD  CE   sing N N 208 
LYS CD  HD2  sing N N 209 
LYS CD  HD3  sing N N 210 
LYS CE  NZ   sing N N 211 
LYS CE  HE2  sing N N 212 
LYS CE  HE3  sing N N 213 
LYS NZ  HZ1  sing N N 214 
LYS NZ  HZ2  sing N N 215 
LYS NZ  HZ3  sing N N 216 
LYS OXT HXT  sing N N 217 
PHE N   CA   sing N N 218 
PHE N   H    sing N N 219 
PHE N   H2   sing N N 220 
PHE CA  C    sing N N 221 
PHE CA  CB   sing N N 222 
PHE CA  HA   sing N N 223 
PHE C   O    doub N N 224 
PHE C   OXT  sing N N 225 
PHE CB  CG   sing N N 226 
PHE CB  HB2  sing N N 227 
PHE CB  HB3  sing N N 228 
PHE CG  CD1  doub Y N 229 
PHE CG  CD2  sing Y N 230 
PHE CD1 CE1  sing Y N 231 
PHE CD1 HD1  sing N N 232 
PHE CD2 CE2  doub Y N 233 
PHE CD2 HD2  sing N N 234 
PHE CE1 CZ   doub Y N 235 
PHE CE1 HE1  sing N N 236 
PHE CE2 CZ   sing Y N 237 
PHE CE2 HE2  sing N N 238 
PHE CZ  HZ   sing N N 239 
PHE OXT HXT  sing N N 240 
PRO N   CA   sing N N 241 
PRO N   CD   sing N N 242 
PRO N   H    sing N N 243 
PRO CA  C    sing N N 244 
PRO CA  CB   sing N N 245 
PRO CA  HA   sing N N 246 
PRO C   O    doub N N 247 
PRO C   OXT  sing N N 248 
PRO CB  CG   sing N N 249 
PRO CB  HB2  sing N N 250 
PRO CB  HB3  sing N N 251 
PRO CG  CD   sing N N 252 
PRO CG  HG2  sing N N 253 
PRO CG  HG3  sing N N 254 
PRO CD  HD2  sing N N 255 
PRO CD  HD3  sing N N 256 
PRO OXT HXT  sing N N 257 
SER N   CA   sing N N 258 
SER N   H    sing N N 259 
SER N   H2   sing N N 260 
SER CA  C    sing N N 261 
SER CA  CB   sing N N 262 
SER CA  HA   sing N N 263 
SER C   O    doub N N 264 
SER C   OXT  sing N N 265 
SER CB  OG   sing N N 266 
SER CB  HB2  sing N N 267 
SER CB  HB3  sing N N 268 
SER OG  HG   sing N N 269 
SER OXT HXT  sing N N 270 
THR N   CA   sing N N 271 
THR N   H    sing N N 272 
THR N   H2   sing N N 273 
THR CA  C    sing N N 274 
THR CA  CB   sing N N 275 
THR CA  HA   sing N N 276 
THR C   O    doub N N 277 
THR C   OXT  sing N N 278 
THR CB  OG1  sing N N 279 
THR CB  CG2  sing N N 280 
THR CB  HB   sing N N 281 
THR OG1 HG1  sing N N 282 
THR CG2 HG21 sing N N 283 
THR CG2 HG22 sing N N 284 
THR CG2 HG23 sing N N 285 
THR OXT HXT  sing N N 286 
TRP N   CA   sing N N 287 
TRP N   H    sing N N 288 
TRP N   H2   sing N N 289 
TRP CA  C    sing N N 290 
TRP CA  CB   sing N N 291 
TRP CA  HA   sing N N 292 
TRP C   O    doub N N 293 
TRP C   OXT  sing N N 294 
TRP CB  CG   sing N N 295 
TRP CB  HB2  sing N N 296 
TRP CB  HB3  sing N N 297 
TRP CG  CD1  doub Y N 298 
TRP CG  CD2  sing Y N 299 
TRP CD1 NE1  sing Y N 300 
TRP CD1 HD1  sing N N 301 
TRP CD2 CE2  doub Y N 302 
TRP CD2 CE3  sing Y N 303 
TRP NE1 CE2  sing Y N 304 
TRP NE1 HE1  sing N N 305 
TRP CE2 CZ2  sing Y N 306 
TRP CE3 CZ3  doub Y N 307 
TRP CE3 HE3  sing N N 308 
TRP CZ2 CH2  doub Y N 309 
TRP CZ2 HZ2  sing N N 310 
TRP CZ3 CH2  sing Y N 311 
TRP CZ3 HZ3  sing N N 312 
TRP CH2 HH2  sing N N 313 
TRP OXT HXT  sing N N 314 
TYR N   CA   sing N N 315 
TYR N   H    sing N N 316 
TYR N   H2   sing N N 317 
TYR CA  C    sing N N 318 
TYR CA  CB   sing N N 319 
TYR CA  HA   sing N N 320 
TYR C   O    doub N N 321 
TYR C   OXT  sing N N 322 
TYR CB  CG   sing N N 323 
TYR CB  HB2  sing N N 324 
TYR CB  HB3  sing N N 325 
TYR CG  CD1  doub Y N 326 
TYR CG  CD2  sing Y N 327 
TYR CD1 CE1  sing Y N 328 
TYR CD1 HD1  sing N N 329 
TYR CD2 CE2  doub Y N 330 
TYR CD2 HD2  sing N N 331 
TYR CE1 CZ   doub Y N 332 
TYR CE1 HE1  sing N N 333 
TYR CE2 CZ   sing Y N 334 
TYR CE2 HE2  sing N N 335 
TYR CZ  OH   sing N N 336 
TYR OH  HH   sing N N 337 
TYR OXT HXT  sing N N 338 
VAL N   CA   sing N N 339 
VAL N   H    sing N N 340 
VAL N   H2   sing N N 341 
VAL CA  C    sing N N 342 
VAL CA  CB   sing N N 343 
VAL CA  HA   sing N N 344 
VAL C   O    doub N N 345 
VAL C   OXT  sing N N 346 
VAL CB  CG1  sing N N 347 
VAL CB  CG2  sing N N 348 
VAL CB  HB   sing N N 349 
VAL CG1 HG11 sing N N 350 
VAL CG1 HG12 sing N N 351 
VAL CG1 HG13 sing N N 352 
VAL CG2 HG21 sing N N 353 
VAL CG2 HG22 sing N N 354 
VAL CG2 HG23 sing N N 355 
VAL OXT HXT  sing N N 356 
# 
_pdbx_entity_nonpoly.entity_id   2 
_pdbx_entity_nonpoly.name        water 
_pdbx_entity_nonpoly.comp_id     HOH 
# 
_pdbx_initial_refinement_model.id               1 
_pdbx_initial_refinement_model.entity_id_list   ? 
_pdbx_initial_refinement_model.type             'experimental model' 
_pdbx_initial_refinement_model.source_name      PDB 
_pdbx_initial_refinement_model.accession_code   1SEM 
_pdbx_initial_refinement_model.details          'PDB ENTRY 1SEM' 
# 
